data_3AV7
#
_entry.id   3AV7
#
_cell.length_a   55.619
_cell.length_b   136.529
_cell.length_c   55.612
_cell.angle_alpha   90.00
_cell.angle_beta   100.71
_cell.angle_gamma   90.00
#
_symmetry.space_group_name_H-M   'P 1 21 1'
#
loop_
_entity.id
_entity.type
_entity.pdbx_description
1 polymer 'Putative uncharacterized protein PH0207'
2 non-polymer "4'-DEOXY-4'-AMINOPYRIDOXAL-5'-PHOSPHATE"
3 non-polymer '(2S)-2-amino-4-(2-aminophenyl)-4-oxobutanoic acid'
4 non-polymer '4-hydroxyquinoline-2-carboxylic acid'
5 water water
#
_entity_poly.entity_id   1
_entity_poly.type   'polypeptide(L)'
_entity_poly.pdbx_seq_one_letter_code
;MGSSHHHHHHSSGLVPRGSHMHEDVQLNIYVHSQEGIGMEENIKSMLGDVERFFSKKALEMRASEVRELLKLVETSDIIS
LAGGLPNPKTFPKEIIRDILVEIMEKYADKALQYGTTKGFTPLRETLMKWLGKRYGISQDNDIMITSGSQQALDLIGRVF
LNPGDIVVVEAPTYLAALQAFNFYEPQYIQIPLDDEGMKVEILEEKLKELKSQGKKVKVVYTVPTFQNPAGVTMNEDRRK
YLLELASEYDFIVVEDDPYGELRYSGNPEKKIKALDNEGRVIYLGTFSKILAPGFRIGWMVGDPGIIRKMEIAKQSTDLC
TNVFGQVVAWRYVDGGYLEKHIPEIRKFYKPRRDAMLEALEEFMPEGVKWTKPEGGMFIWVTLPDGIDSKKMLERAIKKG
VAYVPGEAFYAHRDVKNTMRLNFTYVDEDKIMEGIKRLAETIKEELKA
;
_entity_poly.pdbx_strand_id   A,C
#
# COMPACT_ATOMS: atom_id res chain seq x y z
N SER A 45 -9.37 -21.48 -13.13
CA SER A 45 -9.79 -20.14 -13.67
C SER A 45 -10.88 -20.29 -14.76
N MET A 46 -11.83 -19.35 -14.77
CA MET A 46 -12.87 -19.34 -15.81
C MET A 46 -12.36 -18.99 -17.21
N LEU A 47 -11.17 -18.40 -17.29
CA LEU A 47 -10.55 -17.96 -18.55
C LEU A 47 -9.58 -19.02 -19.14
N GLY A 48 -9.59 -20.23 -18.61
CA GLY A 48 -8.66 -21.27 -19.06
C GLY A 48 -7.19 -21.01 -18.71
N ASP A 49 -6.40 -20.70 -19.73
CA ASP A 49 -4.98 -20.43 -19.57
C ASP A 49 -4.92 -18.93 -19.19
N VAL A 50 -5.33 -18.58 -17.97
CA VAL A 50 -5.32 -17.16 -17.49
C VAL A 50 -3.91 -16.53 -17.59
N GLU A 51 -2.91 -17.39 -17.51
CA GLU A 51 -1.52 -17.03 -17.67
C GLU A 51 -1.23 -16.13 -18.84
N ARG A 52 -1.91 -16.40 -19.94
CA ARG A 52 -1.73 -15.65 -21.21
C ARG A 52 -1.83 -14.14 -20.99
N PHE A 53 -2.49 -13.74 -19.89
CA PHE A 53 -2.62 -12.28 -19.60
C PHE A 53 -1.52 -11.75 -18.69
N PHE A 54 -0.77 -12.63 -18.04
CA PHE A 54 0.08 -12.14 -16.95
C PHE A 54 1.37 -11.49 -17.45
N SER A 55 1.87 -10.51 -16.71
CA SER A 55 3.19 -9.93 -16.96
C SER A 55 4.32 -10.93 -16.67
N LYS A 56 5.49 -10.64 -17.22
CA LYS A 56 6.74 -11.42 -16.95
C LYS A 56 6.96 -11.58 -15.47
N LYS A 57 6.93 -10.46 -14.75
CA LYS A 57 7.09 -10.53 -13.26
C LYS A 57 6.01 -11.38 -12.57
N ALA A 58 4.73 -11.21 -12.96
CA ALA A 58 3.66 -12.03 -12.41
C ALA A 58 3.87 -13.53 -12.79
N LEU A 59 4.37 -13.84 -13.99
CA LEU A 59 4.72 -15.26 -14.27
C LEU A 59 5.83 -15.82 -13.34
N GLU A 60 6.69 -14.97 -12.82
CA GLU A 60 7.79 -15.43 -11.94
C GLU A 60 7.44 -15.39 -10.42
N MET A 61 6.20 -14.98 -10.09
CA MET A 61 5.67 -15.03 -8.70
C MET A 61 5.03 -16.38 -8.42
N ARG A 62 5.43 -16.99 -7.32
CA ARG A 62 4.83 -18.31 -6.96
C ARG A 62 4.59 -18.30 -5.45
N ALA A 63 3.58 -18.99 -4.99
CA ALA A 63 3.37 -19.15 -3.55
C ALA A 63 4.46 -20.10 -3.09
N SER A 64 4.82 -20.04 -1.82
CA SER A 64 5.83 -20.93 -1.26
C SER A 64 5.21 -22.19 -0.70
N GLU A 65 5.68 -23.36 -1.11
CA GLU A 65 5.26 -24.63 -0.45
C GLU A 65 5.43 -24.58 1.09
N VAL A 66 6.56 -24.06 1.57
CA VAL A 66 6.76 -23.99 3.03
C VAL A 66 5.77 -23.01 3.74
N ARG A 67 5.57 -21.83 3.19
CA ARG A 67 4.66 -20.87 3.84
C ARG A 67 3.22 -21.41 3.90
N GLU A 68 2.81 -22.09 2.83
CA GLU A 68 1.44 -22.66 2.79
C GLU A 68 1.25 -23.74 3.86
N LEU A 69 2.27 -24.57 4.01
CA LEU A 69 2.32 -25.64 5.03
C LEU A 69 2.24 -25.04 6.42
N LEU A 70 3.08 -24.04 6.69
CA LEU A 70 3.06 -23.35 7.96
C LEU A 70 1.69 -22.65 8.25
N LYS A 71 0.99 -22.15 7.22
CA LYS A 71 -0.35 -21.58 7.48
C LYS A 71 -1.31 -22.60 8.10
N LEU A 72 -1.31 -23.79 7.51
CA LEU A 72 -2.16 -24.88 7.89
C LEU A 72 -1.76 -25.33 9.30
N VAL A 73 -0.45 -25.42 9.54
CA VAL A 73 0.07 -25.70 10.89
C VAL A 73 -0.43 -24.74 11.98
N GLU A 74 -0.54 -23.44 11.65
CA GLU A 74 -0.99 -22.44 12.61
C GLU A 74 -2.44 -22.73 13.04
N THR A 75 -3.27 -23.22 12.11
CA THR A 75 -4.67 -23.57 12.41
C THR A 75 -4.82 -24.93 13.13
N SER A 76 -3.70 -25.57 13.45
CA SER A 76 -3.73 -26.89 14.07
C SER A 76 -3.24 -26.83 15.53
N ASP A 77 -3.14 -27.99 16.18
CA ASP A 77 -2.78 -28.04 17.61
C ASP A 77 -1.28 -28.30 17.88
N ILE A 78 -0.48 -28.29 16.82
CA ILE A 78 0.99 -28.26 16.85
C ILE A 78 1.54 -27.02 17.61
N ILE A 79 2.66 -27.12 18.29
CA ILE A 79 3.26 -25.97 18.94
C ILE A 79 4.14 -25.30 17.88
N SER A 80 3.67 -24.18 17.33
CA SER A 80 4.43 -23.54 16.23
C SER A 80 5.35 -22.48 16.82
N LEU A 81 6.65 -22.60 16.53
CA LEU A 81 7.62 -21.56 16.76
C LEU A 81 7.93 -20.80 15.44
N ALA A 82 7.08 -21.00 14.43
CA ALA A 82 7.36 -20.54 13.05
C ALA A 82 6.84 -19.14 12.76
N GLY A 83 6.01 -18.57 13.61
CA GLY A 83 5.36 -17.27 13.26
C GLY A 83 6.21 -16.07 13.51
N GLY A 84 5.78 -14.92 12.99
CA GLY A 84 6.53 -13.70 13.17
C GLY A 84 5.59 -12.67 13.77
N LEU A 85 4.59 -13.13 14.52
CA LEU A 85 3.58 -12.20 15.06
C LEU A 85 3.92 -11.74 16.47
N PRO A 86 3.67 -10.47 16.75
CA PRO A 86 3.78 -10.12 18.16
C PRO A 86 2.57 -10.64 19.02
N ASN A 87 2.74 -10.64 20.33
CA ASN A 87 1.68 -11.18 21.21
C ASN A 87 0.61 -10.13 21.48
N PRO A 88 -0.66 -10.48 21.30
CA PRO A 88 -1.75 -9.46 21.49
C PRO A 88 -1.87 -8.99 22.93
N LYS A 89 -1.30 -9.77 23.86
CA LYS A 89 -1.17 -9.31 25.25
C LYS A 89 -0.36 -8.02 25.36
N THR A 90 0.45 -7.70 24.37
CA THR A 90 1.25 -6.50 24.49
C THR A 90 0.55 -5.34 23.81
N PHE A 91 -0.63 -5.54 23.21
CA PHE A 91 -1.27 -4.39 22.50
C PHE A 91 -1.84 -3.47 23.63
N PRO A 92 -1.56 -2.15 23.59
CA PRO A 92 -2.04 -1.36 24.73
C PRO A 92 -3.58 -1.04 24.58
N LYS A 93 -4.43 -2.02 24.85
CA LYS A 93 -5.82 -1.80 24.42
C LYS A 93 -6.61 -0.70 25.18
N GLU A 94 -6.32 -0.52 26.47
CA GLU A 94 -7.05 0.49 27.20
C GLU A 94 -6.61 1.85 26.64
N ILE A 95 -5.30 1.97 26.31
CA ILE A 95 -4.83 3.26 25.76
C ILE A 95 -5.43 3.49 24.37
N ILE A 96 -5.44 2.42 23.57
CA ILE A 96 -6.04 2.56 22.24
C ILE A 96 -7.51 2.99 22.35
N ARG A 97 -8.24 2.35 23.28
CA ARG A 97 -9.64 2.77 23.47
C ARG A 97 -9.77 4.32 23.83
N ASP A 98 -8.93 4.84 24.73
CA ASP A 98 -8.99 6.29 25.10
C ASP A 98 -8.67 7.16 23.87
N ILE A 99 -7.67 6.74 23.08
CA ILE A 99 -7.31 7.50 21.87
C ILE A 99 -8.45 7.52 20.85
N LEU A 100 -9.12 6.40 20.66
CA LEU A 100 -10.23 6.32 19.70
C LEU A 100 -11.37 7.30 20.09
N VAL A 101 -11.73 7.31 21.37
CA VAL A 101 -12.69 8.29 21.91
C VAL A 101 -12.23 9.72 21.65
N GLU A 102 -11.00 10.02 22.04
CA GLU A 102 -10.45 11.36 21.81
C GLU A 102 -10.48 11.73 20.30
N ILE A 103 -10.18 10.77 19.39
CA ILE A 103 -10.19 11.10 17.96
C ILE A 103 -11.61 11.47 17.49
N MET A 104 -12.62 10.70 17.91
CA MET A 104 -14.00 10.99 17.52
C MET A 104 -14.54 12.29 18.12
N GLU A 105 -14.08 12.65 19.31
CA GLU A 105 -14.41 13.91 19.95
C GLU A 105 -13.73 15.14 19.30
N LYS A 106 -12.43 15.06 18.99
CA LYS A 106 -11.69 16.25 18.58
C LYS A 106 -11.07 16.16 17.18
N TYR A 107 -10.80 14.95 16.68
CA TYR A 107 -10.06 14.90 15.38
C TYR A 107 -10.77 14.14 14.25
N ALA A 108 -12.09 13.96 14.35
CA ALA A 108 -12.80 13.04 13.47
C ALA A 108 -12.63 13.31 11.99
N ASP A 109 -12.80 14.57 11.57
CA ASP A 109 -12.72 14.86 10.15
C ASP A 109 -11.31 14.68 9.59
N LYS A 110 -10.28 14.90 10.41
CA LYS A 110 -8.91 14.68 10.00
C LYS A 110 -8.59 13.16 9.86
N ALA A 111 -9.02 12.39 10.85
CA ALA A 111 -8.83 10.94 10.88
C ALA A 111 -9.59 10.24 9.72
N LEU A 112 -10.64 10.86 9.23
CA LEU A 112 -11.56 10.18 8.29
C LEU A 112 -11.41 10.64 6.87
N GLN A 113 -10.84 11.83 6.67
CA GLN A 113 -10.69 12.38 5.34
C GLN A 113 -9.42 11.82 4.65
N TYR A 114 -9.30 11.94 3.31
CA TYR A 114 -8.06 11.65 2.67
C TYR A 114 -6.95 12.52 3.33
N GLY A 115 -5.72 12.02 3.37
CA GLY A 115 -4.56 12.76 3.88
C GLY A 115 -3.57 12.99 2.71
N THR A 116 -2.51 13.76 2.98
CA THR A 116 -1.49 14.02 1.92
C THR A 116 -0.63 12.77 1.73
N THR A 117 0.03 12.65 0.57
CA THR A 117 0.84 11.43 0.32
C THR A 117 1.98 11.31 1.32
N LYS A 118 2.62 12.43 1.71
CA LYS A 118 3.72 12.33 2.66
C LYS A 118 3.37 11.86 4.08
N GLY A 119 2.10 12.05 4.46
CA GLY A 119 1.64 11.65 5.79
C GLY A 119 1.02 12.81 6.59
N PHE A 120 0.38 12.42 7.69
CA PHE A 120 -0.24 13.34 8.62
C PHE A 120 0.81 14.24 9.29
N THR A 121 0.74 15.56 9.08
CA THR A 121 1.84 16.41 9.56
C THR A 121 2.16 16.24 11.06
N PRO A 122 1.14 16.25 11.94
CA PRO A 122 1.52 16.06 13.36
C PRO A 122 2.22 14.77 13.68
N LEU A 123 1.87 13.69 12.98
CA LEU A 123 2.55 12.42 13.25
C LEU A 123 3.99 12.57 12.79
N ARG A 124 4.20 13.20 11.65
CA ARG A 124 5.56 13.32 11.09
C ARG A 124 6.44 14.22 12.03
N GLU A 125 5.83 15.27 12.56
CA GLU A 125 6.55 16.17 13.48
C GLU A 125 6.87 15.48 14.79
N THR A 126 5.87 14.79 15.36
CA THR A 126 6.09 14.08 16.60
C THR A 126 7.13 12.99 16.46
N LEU A 127 7.11 12.22 15.37
CA LEU A 127 8.10 11.18 15.14
C LEU A 127 9.50 11.77 15.00
N MET A 128 9.65 12.86 14.29
CA MET A 128 11.02 13.41 14.20
C MET A 128 11.53 13.88 15.58
N LYS A 129 10.66 14.50 16.38
CA LYS A 129 11.06 14.97 17.68
C LYS A 129 11.41 13.72 18.53
N TRP A 130 10.64 12.63 18.39
CA TRP A 130 10.87 11.42 19.16
C TRP A 130 12.18 10.77 18.75
N LEU A 131 12.37 10.61 17.45
CA LEU A 131 13.61 10.01 16.99
C LEU A 131 14.83 10.93 17.30
N GLY A 132 14.64 12.26 17.27
CA GLY A 132 15.76 13.18 17.62
C GLY A 132 16.19 12.93 19.06
N LYS A 133 15.24 13.04 19.98
CA LYS A 133 15.51 12.96 21.42
C LYS A 133 15.94 11.55 21.84
N ARG A 134 15.26 10.55 21.34
CA ARG A 134 15.55 9.23 21.83
C ARG A 134 16.79 8.62 21.19
N TYR A 135 16.97 8.85 19.89
CA TYR A 135 18.06 8.17 19.15
C TYR A 135 19.19 9.09 18.68
N GLY A 136 18.98 10.40 18.75
CA GLY A 136 19.98 11.36 18.27
C GLY A 136 19.96 11.43 16.75
N ILE A 137 18.81 11.10 16.12
CA ILE A 137 18.68 11.23 14.67
C ILE A 137 18.54 12.71 14.31
N SER A 138 19.30 13.12 13.30
CA SER A 138 19.37 14.52 12.88
C SER A 138 18.06 15.02 12.30
N GLN A 139 17.71 16.26 12.70
CA GLN A 139 16.54 16.97 12.21
C GLN A 139 16.69 17.53 10.81
N ASP A 140 17.90 17.47 10.21
CA ASP A 140 18.03 17.74 8.76
C ASP A 140 17.36 16.67 7.86
N ASN A 141 17.00 15.53 8.43
CA ASN A 141 16.27 14.61 7.58
C ASN A 141 14.81 15.03 7.36
N ASP A 142 14.22 14.50 6.29
CA ASP A 142 12.78 14.43 6.14
C ASP A 142 12.21 13.06 6.51
N ILE A 143 10.87 13.00 6.50
CA ILE A 143 10.16 11.83 6.92
C ILE A 143 8.93 11.68 6.05
N MET A 144 8.64 10.45 5.72
CA MET A 144 7.38 10.09 5.11
C MET A 144 6.77 8.93 5.89
N ILE A 145 5.44 8.93 6.00
CA ILE A 145 4.77 7.84 6.68
C ILE A 145 4.43 6.81 5.62
N THR A 146 4.61 5.54 5.94
CA THR A 146 4.31 4.45 5.02
C THR A 146 3.26 3.47 5.60
N SER A 147 2.71 2.67 4.70
CA SER A 147 1.73 1.61 5.10
C SER A 147 2.47 0.39 5.64
N GLY A 148 3.10 0.63 6.78
CA GLY A 148 4.07 -0.32 7.35
C GLY A 148 5.42 -0.14 6.71
N SER A 149 6.41 -0.73 7.34
CA SER A 149 7.75 -0.76 6.82
C SER A 149 7.86 -1.63 5.60
N GLN A 150 6.98 -2.60 5.46
CA GLN A 150 7.02 -3.39 4.27
C GLN A 150 6.82 -2.48 3.07
N GLN A 151 5.88 -1.54 3.15
CA GLN A 151 5.66 -0.71 1.93
C GLN A 151 6.98 0.08 1.62
N ALA A 152 7.70 0.47 2.67
CA ALA A 152 8.92 1.22 2.45
C ALA A 152 9.92 0.40 1.67
N LEU A 153 9.97 -0.92 1.89
CA LEU A 153 10.88 -1.77 1.15
C LEU A 153 10.49 -1.81 -0.33
N ASP A 154 9.19 -1.92 -0.65
CA ASP A 154 8.77 -1.91 -2.04
C ASP A 154 9.12 -0.53 -2.69
N LEU A 155 8.93 0.56 -1.95
CA LEU A 155 9.18 1.89 -2.49
C LEU A 155 10.69 2.08 -2.75
N ILE A 156 11.55 1.58 -1.83
CA ILE A 156 13.01 1.54 -2.06
C ILE A 156 13.35 0.80 -3.33
N GLY A 157 12.77 -0.39 -3.54
CA GLY A 157 12.99 -1.06 -4.83
C GLY A 157 12.56 -0.18 -6.05
N ARG A 158 11.35 0.37 -6.03
CA ARG A 158 10.84 1.19 -7.15
C ARG A 158 11.78 2.37 -7.45
N VAL A 159 12.22 3.05 -6.39
CA VAL A 159 12.93 4.30 -6.53
C VAL A 159 14.43 4.12 -6.87
N PHE A 160 15.09 3.06 -6.38
CA PHE A 160 16.54 2.90 -6.63
C PHE A 160 16.88 1.82 -7.63
N LEU A 161 16.05 0.78 -7.76
CA LEU A 161 16.55 -0.40 -8.47
C LEU A 161 16.19 -0.55 -9.93
N ASN A 162 17.21 -0.57 -10.80
CA ASN A 162 17.05 -0.97 -12.22
C ASN A 162 17.39 -2.48 -12.27
N PRO A 163 16.90 -3.20 -13.29
CA PRO A 163 17.29 -4.63 -13.34
C PRO A 163 18.78 -4.78 -13.37
N GLY A 164 19.29 -5.74 -12.57
CA GLY A 164 20.72 -5.91 -12.45
C GLY A 164 21.46 -5.07 -11.43
N ASP A 165 20.83 -4.06 -10.80
CA ASP A 165 21.60 -3.23 -9.85
C ASP A 165 21.99 -4.11 -8.67
N ILE A 166 23.11 -3.83 -8.06
CA ILE A 166 23.57 -4.75 -7.00
C ILE A 166 23.07 -4.25 -5.61
N VAL A 167 22.38 -5.15 -4.90
CA VAL A 167 21.94 -4.95 -3.48
C VAL A 167 22.68 -5.94 -2.60
N VAL A 168 23.37 -5.42 -1.61
CA VAL A 168 23.98 -6.20 -0.52
C VAL A 168 22.95 -6.50 0.55
N VAL A 169 22.84 -7.78 0.96
CA VAL A 169 22.00 -8.09 2.12
C VAL A 169 22.86 -8.93 3.06
N GLU A 170 22.41 -8.99 4.32
CA GLU A 170 22.98 -9.93 5.29
C GLU A 170 22.53 -11.34 4.89
N ALA A 171 23.24 -12.35 5.36
CA ALA A 171 22.89 -13.74 5.16
C ALA A 171 22.90 -14.35 6.56
N PRO A 172 21.74 -14.72 7.10
CA PRO A 172 20.41 -14.52 6.51
C PRO A 172 20.00 -13.01 6.51
N THR A 173 18.85 -12.70 5.94
CA THR A 173 18.19 -11.35 6.04
C THR A 173 16.70 -11.60 6.14
N TYR A 174 15.96 -10.52 6.29
CA TYR A 174 14.50 -10.52 6.37
C TYR A 174 13.89 -10.97 5.01
N LEU A 175 13.19 -12.11 5.04
CA LEU A 175 12.65 -12.76 3.84
C LEU A 175 11.83 -11.82 2.96
N ALA A 176 10.94 -11.04 3.58
CA ALA A 176 10.03 -10.27 2.77
C ALA A 176 10.70 -9.00 2.17
N ALA A 177 11.93 -8.69 2.60
CA ALA A 177 12.71 -7.62 1.93
C ALA A 177 13.23 -8.19 0.62
N LEU A 178 13.73 -9.44 0.65
CA LEU A 178 14.10 -10.09 -0.63
C LEU A 178 12.84 -10.13 -1.58
N GLN A 179 11.67 -10.49 -1.03
CA GLN A 179 10.47 -10.57 -1.87
C GLN A 179 10.07 -9.24 -2.45
N ALA A 180 10.15 -8.23 -1.63
CA ALA A 180 9.91 -6.86 -2.12
C ALA A 180 10.92 -6.49 -3.24
N PHE A 181 12.21 -6.70 -2.96
CA PHE A 181 13.29 -6.26 -3.87
C PHE A 181 13.28 -7.05 -5.18
N ASN A 182 12.90 -8.34 -5.06
CA ASN A 182 12.90 -9.24 -6.21
C ASN A 182 12.03 -8.78 -7.38
N PHE A 183 10.95 -8.06 -7.12
CA PHE A 183 10.13 -7.56 -8.22
C PHE A 183 10.97 -6.66 -9.12
N TYR A 184 12.02 -6.06 -8.59
CA TYR A 184 12.86 -5.14 -9.37
C TYR A 184 14.14 -5.75 -9.93
N GLU A 185 14.29 -7.07 -9.82
CA GLU A 185 15.42 -7.82 -10.42
C GLU A 185 16.86 -7.37 -10.09
N PRO A 186 17.17 -7.20 -8.78
CA PRO A 186 18.56 -6.94 -8.41
C PRO A 186 19.39 -8.20 -8.50
N GLN A 187 20.70 -8.04 -8.51
CA GLN A 187 21.62 -9.12 -8.20
C GLN A 187 21.92 -8.92 -6.74
N TYR A 188 22.01 -10.00 -5.98
CA TYR A 188 22.38 -9.88 -4.61
C TYR A 188 23.81 -10.27 -4.31
N ILE A 189 24.41 -9.55 -3.38
CA ILE A 189 25.64 -10.01 -2.68
C ILE A 189 25.28 -10.27 -1.25
N GLN A 190 25.57 -11.48 -0.73
CA GLN A 190 25.27 -11.94 0.63
C GLN A 190 26.46 -11.75 1.57
N ILE A 191 26.26 -11.15 2.73
CA ILE A 191 27.37 -10.91 3.64
C ILE A 191 27.01 -11.64 4.97
N PRO A 192 27.80 -12.65 5.32
CA PRO A 192 27.43 -13.42 6.53
C PRO A 192 27.41 -12.57 7.82
N LEU A 193 26.53 -13.00 8.72
CA LEU A 193 26.50 -12.57 10.10
C LEU A 193 27.33 -13.47 11.00
N ASP A 194 27.74 -12.92 12.13
CA ASP A 194 28.28 -13.67 13.26
C ASP A 194 27.55 -13.11 14.47
N ASP A 195 28.03 -13.35 15.69
CA ASP A 195 27.22 -12.90 16.84
C ASP A 195 27.20 -11.42 17.11
N GLU A 196 28.01 -10.67 16.36
CA GLU A 196 28.00 -9.24 16.39
C GLU A 196 27.51 -8.65 15.04
N GLY A 197 26.66 -9.39 14.34
CA GLY A 197 25.93 -8.81 13.19
C GLY A 197 26.73 -8.95 11.93
N MET A 198 26.44 -8.09 10.94
CA MET A 198 27.08 -8.23 9.61
C MET A 198 28.62 -8.24 9.78
N LYS A 199 29.28 -9.21 9.20
CA LYS A 199 30.73 -9.12 9.14
C LYS A 199 31.15 -8.11 8.09
N VAL A 200 31.25 -6.85 8.54
CA VAL A 200 31.52 -5.75 7.64
C VAL A 200 32.88 -5.93 6.93
N GLU A 201 33.84 -6.60 7.57
CA GLU A 201 35.12 -6.93 6.87
C GLU A 201 34.98 -7.75 5.61
N ILE A 202 34.08 -8.74 5.61
CA ILE A 202 33.71 -9.47 4.39
C ILE A 202 33.05 -8.51 3.37
N LEU A 203 32.19 -7.61 3.84
CA LEU A 203 31.68 -6.59 2.88
C LEU A 203 32.81 -5.86 2.19
N GLU A 204 33.85 -5.45 2.93
CA GLU A 204 34.94 -4.69 2.28
C GLU A 204 35.63 -5.52 1.23
N GLU A 205 35.79 -6.81 1.53
CA GLU A 205 36.44 -7.69 0.58
C GLU A 205 35.62 -7.76 -0.68
N LYS A 206 34.30 -7.96 -0.53
CA LYS A 206 33.39 -8.12 -1.66
C LYS A 206 33.31 -6.81 -2.48
N LEU A 207 33.39 -5.65 -1.80
CA LEU A 207 33.37 -4.34 -2.47
C LEU A 207 34.62 -4.19 -3.36
N LYS A 208 35.78 -4.60 -2.82
CA LYS A 208 37.07 -4.62 -3.55
C LYS A 208 37.01 -5.56 -4.74
N GLU A 209 36.48 -6.79 -4.57
CA GLU A 209 36.35 -7.69 -5.75
C GLU A 209 35.40 -7.09 -6.80
N LEU A 210 34.29 -6.51 -6.33
CA LEU A 210 33.36 -5.87 -7.28
C LEU A 210 34.04 -4.77 -8.09
N LYS A 211 34.72 -3.89 -7.40
CA LYS A 211 35.50 -2.81 -8.00
C LYS A 211 36.53 -3.29 -9.04
N SER A 212 37.18 -4.42 -8.77
CA SER A 212 38.08 -5.06 -9.71
C SER A 212 37.34 -5.56 -10.96
N GLN A 213 36.02 -5.77 -10.86
CA GLN A 213 35.26 -6.26 -11.99
C GLN A 213 34.56 -5.07 -12.67
N GLY A 214 34.85 -3.85 -12.22
CA GLY A 214 34.25 -2.59 -12.71
C GLY A 214 32.79 -2.36 -12.30
N LYS A 215 32.37 -3.01 -11.19
CA LYS A 215 30.98 -2.97 -10.72
C LYS A 215 30.87 -2.25 -9.36
N LYS A 216 29.66 -1.87 -8.93
CA LYS A 216 29.46 -1.04 -7.72
C LYS A 216 28.18 -1.63 -7.10
N VAL A 217 28.09 -1.49 -5.79
CA VAL A 217 26.83 -1.74 -5.05
C VAL A 217 26.02 -0.46 -5.04
N LYS A 218 24.71 -0.54 -5.23
CA LYS A 218 23.92 0.65 -5.08
C LYS A 218 23.35 0.77 -3.67
N VAL A 219 22.87 -0.34 -3.06
CA VAL A 219 22.19 -0.28 -1.75
C VAL A 219 22.72 -1.43 -0.88
N VAL A 220 22.98 -1.10 0.38
CA VAL A 220 23.22 -2.05 1.42
C VAL A 220 22.03 -2.02 2.35
N TYR A 221 21.34 -3.15 2.41
CA TYR A 221 20.14 -3.34 3.25
C TYR A 221 20.58 -4.09 4.53
N THR A 222 20.32 -3.51 5.69
CA THR A 222 20.76 -4.05 6.96
C THR A 222 19.61 -4.02 7.95
N VAL A 223 19.44 -5.12 8.71
CA VAL A 223 18.48 -5.08 9.85
C VAL A 223 19.36 -5.26 11.06
N PRO A 224 19.96 -4.15 11.58
CA PRO A 224 21.16 -4.28 12.38
C PRO A 224 20.88 -4.53 13.89
N THR A 225 19.62 -4.48 14.32
CA THR A 225 19.35 -4.66 15.77
C THR A 225 18.27 -5.77 16.04
N PHE A 226 18.63 -6.81 16.76
CA PHE A 226 17.72 -7.95 17.02
C PHE A 226 17.16 -8.45 15.72
N GLN A 227 18.04 -8.87 14.84
CA GLN A 227 17.64 -9.22 13.47
C GLN A 227 16.45 -10.17 13.33
N ASN A 228 15.56 -9.85 12.39
CA ASN A 228 14.67 -10.90 11.84
C ASN A 228 15.48 -11.41 10.62
N PRO A 229 15.97 -12.66 10.65
CA PRO A 229 15.61 -13.75 11.58
C PRO A 229 16.68 -14.10 12.61
N ALA A 230 17.88 -13.52 12.52
CA ALA A 230 18.98 -14.09 13.33
C ALA A 230 19.06 -13.71 14.81
N GLY A 231 18.37 -12.62 15.21
CA GLY A 231 18.39 -12.22 16.57
C GLY A 231 19.56 -11.37 17.00
N VAL A 232 20.60 -11.25 16.16
CA VAL A 232 21.90 -10.65 16.56
C VAL A 232 21.90 -9.17 16.23
N THR A 233 22.89 -8.47 16.76
CA THR A 233 22.93 -7.02 16.64
C THR A 233 24.35 -6.58 16.20
N MET A 234 24.38 -5.70 15.21
CA MET A 234 25.64 -5.21 14.66
C MET A 234 26.30 -4.30 15.69
N ASN A 235 27.57 -4.57 16.02
CA ASN A 235 28.21 -3.80 17.07
C ASN A 235 28.52 -2.39 16.59
N GLU A 236 28.91 -1.53 17.52
CA GLU A 236 29.14 -0.14 17.22
C GLU A 236 30.28 0.13 16.17
N ASP A 237 31.40 -0.56 16.33
CA ASP A 237 32.54 -0.45 15.41
C ASP A 237 32.11 -0.77 13.97
N ARG A 238 31.30 -1.84 13.77
CA ARG A 238 30.84 -2.18 12.46
C ARG A 238 29.84 -1.17 11.90
N ARG A 239 29.03 -0.52 12.75
CA ARG A 239 28.12 0.51 12.22
C ARG A 239 28.94 1.67 11.62
N LYS A 240 29.95 2.12 12.34
CA LYS A 240 30.83 3.17 11.83
C LYS A 240 31.63 2.71 10.61
N TYR A 241 32.14 1.49 10.65
CA TYR A 241 32.85 0.92 9.50
C TYR A 241 31.93 0.86 8.26
N LEU A 242 30.69 0.41 8.44
CA LEU A 242 29.77 0.39 7.34
C LEU A 242 29.61 1.77 6.70
N LEU A 243 29.52 2.81 7.52
CA LEU A 243 29.31 4.16 7.01
C LEU A 243 30.59 4.66 6.29
N GLU A 244 31.76 4.21 6.76
CA GLU A 244 33.03 4.60 6.05
C GLU A 244 33.00 3.99 4.68
N LEU A 245 32.57 2.73 4.62
CA LEU A 245 32.47 2.07 3.32
C LEU A 245 31.41 2.69 2.39
N ALA A 246 30.26 3.10 2.95
CA ALA A 246 29.19 3.75 2.18
C ALA A 246 29.74 5.00 1.50
N SER A 247 30.54 5.72 2.26
CA SER A 247 31.20 6.91 1.76
C SER A 247 32.28 6.56 0.70
N GLU A 248 33.19 5.63 1.02
CA GLU A 248 34.27 5.26 0.09
C GLU A 248 33.77 4.68 -1.23
N TYR A 249 32.72 3.85 -1.13
CA TYR A 249 32.17 3.17 -2.30
C TYR A 249 30.89 3.76 -2.84
N ASP A 250 30.49 4.91 -2.29
CA ASP A 250 29.33 5.63 -2.71
C ASP A 250 28.03 4.78 -2.80
N PHE A 251 27.59 4.19 -1.71
CA PHE A 251 26.27 3.54 -1.74
C PHE A 251 25.35 4.12 -0.68
N ILE A 252 24.07 3.76 -0.79
CA ILE A 252 23.01 4.13 0.21
C ILE A 252 22.85 2.98 1.19
N VAL A 253 22.59 3.27 2.46
CA VAL A 253 22.33 2.25 3.45
C VAL A 253 20.85 2.36 3.86
N VAL A 254 20.18 1.24 3.77
CA VAL A 254 18.86 1.10 4.33
C VAL A 254 18.97 0.38 5.68
N GLU A 255 18.55 1.10 6.72
CA GLU A 255 18.59 0.59 8.11
C GLU A 255 17.14 0.31 8.51
N ASP A 256 16.78 -0.97 8.69
CA ASP A 256 15.39 -1.36 8.86
C ASP A 256 15.30 -1.76 10.31
N ASP A 257 14.55 -1.02 11.13
CA ASP A 257 14.59 -1.22 12.61
C ASP A 257 13.20 -1.39 13.25
N PRO A 258 12.56 -2.58 13.07
CA PRO A 258 11.24 -2.72 13.78
C PRO A 258 11.41 -2.98 15.27
N TYR A 259 12.57 -3.49 15.69
CA TYR A 259 12.68 -4.24 16.99
C TYR A 259 13.40 -3.50 18.11
N GLY A 260 14.01 -2.33 17.79
CA GLY A 260 14.93 -1.62 18.67
C GLY A 260 14.45 -1.42 20.11
N GLU A 261 13.18 -1.07 20.26
CA GLU A 261 12.63 -0.83 21.60
C GLU A 261 12.33 -2.13 22.33
N LEU A 262 12.38 -3.25 21.63
CA LEU A 262 12.12 -4.54 22.34
C LEU A 262 13.42 -5.07 22.93
N ARG A 263 14.04 -4.25 23.73
CA ARG A 263 15.27 -4.61 24.38
C ARG A 263 15.07 -5.26 25.76
N TYR A 264 15.67 -6.45 25.96
CA TYR A 264 15.52 -7.11 27.27
C TYR A 264 16.77 -7.08 28.13
N SER A 265 17.93 -6.97 27.52
CA SER A 265 19.15 -6.99 28.32
C SER A 265 20.13 -6.14 27.57
N GLY A 266 21.24 -5.78 28.20
CA GLY A 266 22.19 -4.98 27.53
C GLY A 266 21.82 -3.49 27.46
N ASN A 267 22.69 -2.77 26.79
CA ASN A 267 22.51 -1.31 26.64
C ASN A 267 22.08 -0.96 25.22
N PRO A 268 21.34 0.16 25.03
CA PRO A 268 20.92 0.56 23.70
C PRO A 268 22.13 0.76 22.76
N GLU A 269 22.02 0.21 21.55
CA GLU A 269 22.89 0.54 20.46
C GLU A 269 22.67 1.99 19.94
N LYS A 270 23.64 2.52 19.19
CA LYS A 270 23.49 3.73 18.37
C LYS A 270 22.89 3.37 17.04
N LYS A 271 21.82 4.06 16.64
CA LYS A 271 21.26 3.88 15.29
C LYS A 271 22.35 4.20 14.25
N ILE A 272 22.48 3.34 13.25
CA ILE A 272 23.33 3.71 12.10
C ILE A 272 22.92 5.10 11.63
N LYS A 273 21.61 5.36 11.59
CA LYS A 273 21.13 6.66 11.14
C LYS A 273 21.65 7.81 12.05
N ALA A 274 21.85 7.53 13.33
CA ALA A 274 22.39 8.54 14.27
C ALA A 274 23.86 8.84 14.02
N LEU A 275 24.56 7.91 13.39
CA LEU A 275 25.99 8.15 13.01
C LEU A 275 26.17 8.77 11.64
N ASP A 276 25.07 9.01 10.94
CA ASP A 276 25.05 9.37 9.49
C ASP A 276 25.22 10.87 9.23
N ASN A 277 26.47 11.25 9.10
CA ASN A 277 26.81 12.61 8.77
C ASN A 277 26.59 12.94 7.29
N GLU A 278 26.59 11.94 6.39
CA GLU A 278 26.47 12.23 4.95
C GLU A 278 25.08 12.18 4.35
N GLY A 279 24.09 11.72 5.12
CA GLY A 279 22.74 11.60 4.56
C GLY A 279 22.61 10.37 3.71
N ARG A 280 23.44 9.36 3.98
CA ARG A 280 23.43 8.16 3.18
C ARG A 280 22.54 7.02 3.68
N VAL A 281 21.99 7.18 4.87
CA VAL A 281 21.10 6.13 5.50
C VAL A 281 19.65 6.51 5.38
N ILE A 282 18.86 5.56 4.96
CA ILE A 282 17.42 5.67 5.01
C ILE A 282 16.99 4.78 6.18
N TYR A 283 16.38 5.39 7.19
CA TYR A 283 16.03 4.69 8.43
C TYR A 283 14.53 4.32 8.35
N LEU A 284 14.20 3.05 8.58
CA LEU A 284 12.81 2.60 8.60
C LEU A 284 12.43 2.13 10.00
N GLY A 285 11.29 2.61 10.44
CA GLY A 285 10.71 2.02 11.63
C GLY A 285 9.23 1.76 11.45
N THR A 286 8.59 1.22 12.48
CA THR A 286 7.20 0.85 12.30
C THR A 286 6.53 0.79 13.63
N PHE A 287 5.21 1.01 13.66
CA PHE A 287 4.45 0.88 14.91
C PHE A 287 4.07 -0.57 15.20
N SER A 288 4.45 -1.43 14.29
CA SER A 288 3.89 -2.81 14.38
C SER A 288 4.25 -3.55 15.67
N LYS A 289 5.49 -3.41 16.13
CA LYS A 289 5.90 -4.11 17.32
C LYS A 289 5.72 -3.32 18.61
N ILE A 290 5.44 -2.02 18.50
CA ILE A 290 5.44 -1.17 19.69
C ILE A 290 4.06 -0.60 20.00
N LEU A 291 3.13 -0.76 19.05
CA LEU A 291 1.73 -0.41 19.20
C LEU A 291 0.92 -1.67 18.90
N ALA A 292 0.68 -1.94 17.60
CA ALA A 292 -0.03 -3.14 17.16
C ALA A 292 0.20 -3.12 15.65
N PRO A 293 0.27 -4.29 15.01
CA PRO A 293 0.53 -4.27 13.54
C PRO A 293 -0.68 -3.80 12.74
N GLY A 294 -1.87 -3.89 13.35
CA GLY A 294 -3.11 -3.80 12.62
C GLY A 294 -3.37 -2.42 12.02
N PHE A 295 -2.68 -1.41 12.51
CA PHE A 295 -2.91 -0.05 11.94
C PHE A 295 -2.16 0.14 10.64
N ARG A 296 -1.13 -0.70 10.42
CA ARG A 296 -0.19 -0.63 9.26
C ARG A 296 0.36 0.81 9.06
N ILE A 297 1.06 1.34 10.05
CA ILE A 297 1.72 2.66 9.96
C ILE A 297 3.20 2.41 10.19
N GLY A 298 4.03 2.93 9.28
CA GLY A 298 5.49 2.89 9.43
C GLY A 298 6.02 4.27 9.04
N TRP A 299 7.36 4.44 9.05
CA TRP A 299 7.96 5.73 8.63
C TRP A 299 9.29 5.47 7.95
N MET A 300 9.71 6.41 7.12
CA MET A 300 10.97 6.33 6.38
C MET A 300 11.60 7.70 6.63
N VAL A 301 12.86 7.73 7.11
CA VAL A 301 13.54 8.98 7.48
C VAL A 301 14.85 9.02 6.66
N GLY A 302 15.10 10.13 5.96
CA GLY A 302 16.37 10.18 5.23
C GLY A 302 16.50 11.49 4.48
N ASP A 303 17.48 11.53 3.59
CA ASP A 303 17.74 12.73 2.83
C ASP A 303 16.49 13.33 2.14
N PRO A 304 16.26 14.67 2.22
CA PRO A 304 15.00 15.26 1.63
C PRO A 304 14.84 14.95 0.15
N GLY A 305 15.92 14.88 -0.63
CA GLY A 305 15.79 14.60 -2.07
C GLY A 305 15.32 13.17 -2.29
N ILE A 306 15.84 12.26 -1.48
CA ILE A 306 15.36 10.90 -1.56
C ILE A 306 13.91 10.82 -1.16
N ILE A 307 13.54 11.43 -0.04
CA ILE A 307 12.18 11.34 0.45
C ILE A 307 11.16 11.95 -0.56
N ARG A 308 11.47 13.08 -1.17
CA ARG A 308 10.59 13.60 -2.24
C ARG A 308 10.31 12.60 -3.37
N LYS A 309 11.33 11.88 -3.80
CA LYS A 309 11.14 10.94 -4.86
C LYS A 309 10.21 9.84 -4.34
N MET A 310 10.47 9.38 -3.12
CA MET A 310 9.67 8.28 -2.55
C MET A 310 8.20 8.66 -2.46
N GLU A 311 7.96 9.91 -2.10
CA GLU A 311 6.61 10.45 -2.00
C GLU A 311 5.93 10.41 -3.35
N ILE A 312 6.63 10.86 -4.37
CA ILE A 312 6.03 10.77 -5.70
C ILE A 312 5.76 9.31 -6.10
N ALA A 313 6.69 8.39 -5.78
CA ALA A 313 6.52 6.96 -6.12
C ALA A 313 5.27 6.39 -5.43
N LYS A 314 5.11 6.77 -4.18
CA LYS A 314 4.03 6.24 -3.35
C LYS A 314 2.65 6.68 -3.78
N GLN A 315 2.59 7.94 -4.24
CA GLN A 315 1.33 8.60 -4.59
C GLN A 315 0.38 7.72 -5.40
N SER A 316 0.91 7.13 -6.44
CA SER A 316 0.10 6.35 -7.34
C SER A 316 -0.07 4.92 -6.85
N THR A 317 0.69 4.49 -5.83
CA THR A 317 0.42 3.12 -5.26
C THR A 317 -0.75 3.05 -4.28
N ASP A 318 -1.02 4.11 -3.52
CA ASP A 318 -2.10 4.05 -2.50
C ASP A 318 -2.74 5.37 -2.13
N LEU A 319 -2.35 6.45 -2.82
CA LEU A 319 -2.82 7.81 -2.49
C LEU A 319 -2.19 8.30 -1.14
N CYS A 320 -2.52 7.62 -0.05
CA CYS A 320 -2.02 7.94 1.29
C CYS A 320 -2.17 6.76 2.21
N THR A 321 -1.30 6.68 3.20
CA THR A 321 -1.43 5.64 4.24
C THR A 321 -2.69 5.98 5.07
N ASN A 322 -3.36 4.98 5.55
CA ASN A 322 -4.65 5.29 6.21
C ASN A 322 -4.53 6.27 7.34
N VAL A 323 -5.31 7.31 7.17
CA VAL A 323 -5.11 8.49 7.95
C VAL A 323 -5.61 8.22 9.35
N PHE A 324 -6.61 7.33 9.46
CA PHE A 324 -7.24 7.06 10.75
C PHE A 324 -6.16 6.51 11.67
N GLY A 325 -5.44 5.47 11.18
CA GLY A 325 -4.34 4.91 11.89
C GLY A 325 -3.20 5.86 12.20
N GLN A 326 -2.97 6.83 11.30
CA GLN A 326 -1.95 7.85 11.52
C GLN A 326 -2.29 8.80 12.70
N VAL A 327 -3.59 9.10 12.83
CA VAL A 327 -4.09 9.89 13.96
C VAL A 327 -3.96 9.13 15.28
N VAL A 328 -4.29 7.85 15.25
CA VAL A 328 -4.09 7.05 16.42
C VAL A 328 -2.61 7.03 16.81
N ALA A 329 -1.70 6.72 15.88
CA ALA A 329 -0.28 6.69 16.17
C ALA A 329 0.23 8.09 16.66
N TRP A 330 -0.27 9.19 16.11
CA TRP A 330 0.14 10.48 16.56
C TRP A 330 -0.20 10.63 18.05
N ARG A 331 -1.43 10.30 18.45
CA ARG A 331 -1.78 10.52 19.86
C ARG A 331 -0.98 9.60 20.74
N TYR A 332 -0.76 8.38 20.22
CA TYR A 332 -0.01 7.33 20.96
C TYR A 332 1.38 7.86 21.29
N VAL A 333 2.00 8.54 20.32
CA VAL A 333 3.34 9.10 20.59
C VAL A 333 3.31 10.43 21.38
N ASP A 334 2.62 11.41 20.82
CA ASP A 334 2.57 12.76 21.37
C ASP A 334 2.00 12.80 22.80
N GLY A 335 1.05 11.92 23.10
CA GLY A 335 0.45 11.90 24.47
C GLY A 335 1.27 11.15 25.50
N GLY A 336 2.44 10.64 25.10
CA GLY A 336 3.42 10.01 26.05
C GLY A 336 3.17 8.54 26.29
N TYR A 337 2.19 7.98 25.55
CA TYR A 337 1.83 6.58 25.79
C TYR A 337 2.87 5.61 25.29
N LEU A 338 3.45 5.93 24.14
CA LEU A 338 4.51 5.02 23.59
C LEU A 338 5.63 4.80 24.64
N GLU A 339 6.15 5.91 25.14
CA GLU A 339 7.18 5.86 26.17
C GLU A 339 6.81 5.10 27.46
N LYS A 340 5.57 5.20 27.93
CA LYS A 340 5.15 4.46 29.12
C LYS A 340 4.89 2.98 28.83
N HIS A 341 4.53 2.69 27.59
CA HIS A 341 4.17 1.33 27.26
C HIS A 341 5.38 0.47 26.93
N ILE A 342 6.41 1.05 26.34
CA ILE A 342 7.61 0.28 25.98
C ILE A 342 8.12 -0.61 27.14
N PRO A 343 8.32 -0.06 28.40
CA PRO A 343 8.73 -0.96 29.53
C PRO A 343 7.79 -2.17 29.74
N GLU A 344 6.52 -2.06 29.38
CA GLU A 344 5.60 -3.22 29.61
C GLU A 344 5.78 -4.31 28.57
N ILE A 345 6.04 -3.86 27.33
CA ILE A 345 6.40 -4.79 26.28
C ILE A 345 7.66 -5.56 26.70
N ARG A 346 8.70 -4.84 27.09
CA ARG A 346 9.93 -5.53 27.49
C ARG A 346 9.70 -6.49 28.61
N LYS A 347 8.97 -6.07 29.63
CA LYS A 347 8.70 -6.93 30.76
C LYS A 347 7.96 -8.20 30.36
N PHE A 348 7.11 -8.10 29.36
CA PHE A 348 6.32 -9.22 28.93
C PHE A 348 7.17 -10.20 28.11
N TYR A 349 7.93 -9.69 27.15
CA TYR A 349 8.70 -10.61 26.27
C TYR A 349 9.96 -11.20 26.90
N LYS A 350 10.61 -10.46 27.79
CA LYS A 350 11.86 -10.94 28.42
C LYS A 350 11.81 -12.41 28.94
N PRO A 351 10.82 -12.77 29.80
CA PRO A 351 10.82 -14.17 30.33
C PRO A 351 10.61 -15.21 29.28
N ARG A 352 10.00 -14.83 28.17
CA ARG A 352 9.70 -15.75 27.08
C ARG A 352 10.96 -16.03 26.30
N ARG A 353 11.77 -15.00 26.12
CA ARG A 353 13.06 -15.19 25.47
C ARG A 353 13.87 -16.08 26.43
N ASP A 354 13.81 -15.75 27.72
CA ASP A 354 14.67 -16.47 28.68
C ASP A 354 14.27 -17.95 28.77
N ALA A 355 12.96 -18.22 28.81
CA ALA A 355 12.47 -19.62 28.84
C ALA A 355 12.99 -20.35 27.60
N MET A 356 12.92 -19.70 26.45
CA MET A 356 13.37 -20.42 25.24
C MET A 356 14.87 -20.74 25.31
N LEU A 357 15.65 -19.77 25.72
CA LEU A 357 17.13 -19.98 25.87
C LEU A 357 17.50 -21.09 26.91
N GLU A 358 16.72 -21.12 27.98
CA GLU A 358 16.94 -22.14 29.01
C GLU A 358 16.64 -23.53 28.49
N ALA A 359 15.52 -23.66 27.74
CA ALA A 359 15.09 -24.93 27.17
C ALA A 359 16.10 -25.39 26.09
N LEU A 360 16.56 -24.46 25.26
CA LEU A 360 17.58 -24.82 24.26
C LEU A 360 18.80 -25.42 24.95
N GLU A 361 19.33 -24.69 25.96
CA GLU A 361 20.51 -25.15 26.74
C GLU A 361 20.31 -26.53 27.38
N GLU A 362 19.14 -26.78 27.95
CA GLU A 362 18.89 -28.06 28.62
C GLU A 362 18.65 -29.22 27.66
N PHE A 363 17.93 -28.97 26.55
CA PHE A 363 17.40 -30.08 25.76
C PHE A 363 18.18 -30.38 24.47
N MET A 364 18.85 -29.38 23.90
CA MET A 364 19.46 -29.55 22.58
C MET A 364 20.68 -30.48 22.62
N PRO A 365 20.87 -31.31 21.60
CA PRO A 365 22.03 -32.24 21.63
C PRO A 365 23.30 -31.48 21.27
N GLU A 366 24.44 -32.12 21.44
CA GLU A 366 25.72 -31.50 21.16
C GLU A 366 25.75 -31.16 19.66
N GLY A 367 26.40 -30.06 19.32
CA GLY A 367 26.55 -29.72 17.93
C GLY A 367 25.54 -28.68 17.45
N VAL A 368 24.41 -28.51 18.17
CA VAL A 368 23.41 -27.50 17.81
C VAL A 368 23.84 -26.20 18.44
N LYS A 369 23.70 -25.09 17.71
CA LYS A 369 24.06 -23.79 18.22
C LYS A 369 22.90 -22.83 17.99
N TRP A 370 22.88 -21.72 18.73
CA TRP A 370 21.78 -20.77 18.61
C TRP A 370 22.24 -19.38 18.95
N THR A 371 21.57 -18.39 18.39
CA THR A 371 21.92 -17.05 18.78
C THR A 371 21.35 -16.68 20.16
N LYS A 372 21.87 -15.59 20.75
CA LYS A 372 21.46 -15.17 22.10
C LYS A 372 21.09 -13.68 22.04
N PRO A 373 19.88 -13.39 21.54
CA PRO A 373 19.51 -12.03 21.22
C PRO A 373 19.37 -11.23 22.52
N GLU A 374 19.64 -9.93 22.44
CA GLU A 374 19.37 -9.05 23.55
C GLU A 374 17.95 -8.42 23.46
N GLY A 375 17.15 -8.81 22.46
CA GLY A 375 15.87 -8.13 22.25
C GLY A 375 15.20 -8.80 21.08
N GLY A 376 14.06 -8.25 20.71
CA GLY A 376 13.34 -8.69 19.50
C GLY A 376 12.49 -9.92 19.71
N MET A 377 12.29 -10.72 18.66
CA MET A 377 11.28 -11.79 18.70
C MET A 377 11.81 -13.18 18.41
N PHE A 378 13.05 -13.25 18.00
CA PHE A 378 13.55 -14.46 17.31
C PHE A 378 14.88 -14.97 17.87
N ILE A 379 14.96 -16.32 17.85
CA ILE A 379 16.20 -17.04 18.08
C ILE A 379 16.46 -17.92 16.84
N TRP A 380 17.74 -17.96 16.46
CA TRP A 380 18.19 -18.56 15.17
C TRP A 380 19.10 -19.72 15.49
N VAL A 381 18.73 -20.89 15.02
CA VAL A 381 19.41 -22.12 15.38
C VAL A 381 20.10 -22.71 14.15
N THR A 382 21.29 -23.27 14.38
CA THR A 382 22.10 -23.92 13.36
C THR A 382 22.31 -25.41 13.73
N LEU A 383 21.98 -26.30 12.84
CA LEU A 383 22.15 -27.72 13.06
C LEU A 383 23.53 -28.26 12.65
N PRO A 384 24.03 -29.31 13.35
CA PRO A 384 25.35 -29.89 12.98
C PRO A 384 25.18 -30.90 11.86
N ASP A 385 26.28 -31.58 11.48
CA ASP A 385 26.30 -32.75 10.56
C ASP A 385 25.53 -32.59 9.23
N GLY A 386 25.41 -31.36 8.71
CA GLY A 386 24.71 -31.11 7.46
C GLY A 386 23.26 -31.58 7.45
N ILE A 387 22.52 -31.41 8.55
CA ILE A 387 21.07 -31.64 8.50
C ILE A 387 20.39 -30.60 7.64
N ASP A 388 19.40 -31.00 6.86
CA ASP A 388 18.66 -30.06 6.05
C ASP A 388 17.36 -29.73 6.79
N SER A 389 17.23 -28.49 7.26
CA SER A 389 16.09 -28.13 8.14
C SER A 389 14.79 -28.02 7.43
N LYS A 390 14.82 -27.83 6.12
CA LYS A 390 13.60 -27.86 5.37
C LYS A 390 13.10 -29.32 5.21
N LYS A 391 13.99 -30.26 4.88
CA LYS A 391 13.53 -31.67 4.90
C LYS A 391 13.16 -32.14 6.31
N MET A 392 13.84 -31.63 7.34
CA MET A 392 13.53 -32.02 8.75
C MET A 392 12.17 -31.49 9.26
N LEU A 393 11.64 -30.43 8.64
CA LEU A 393 10.33 -29.88 9.06
C LEU A 393 9.20 -30.90 9.09
N GLU A 394 9.20 -31.80 8.11
CA GLU A 394 8.26 -32.93 8.06
C GLU A 394 8.26 -33.70 9.39
N ARG A 395 9.44 -34.11 9.84
CA ARG A 395 9.56 -34.90 11.05
C ARG A 395 9.18 -34.11 12.31
N ALA A 396 9.57 -32.83 12.32
CA ALA A 396 9.26 -31.93 13.43
C ALA A 396 7.74 -31.86 13.60
N ILE A 397 7.02 -31.65 12.51
CA ILE A 397 5.56 -31.49 12.54
C ILE A 397 4.87 -32.79 13.05
N LYS A 398 5.33 -33.94 12.59
CA LYS A 398 4.89 -35.24 13.12
C LYS A 398 5.16 -35.34 14.59
N LYS A 399 6.20 -34.66 15.08
CA LYS A 399 6.41 -34.66 16.53
C LYS A 399 5.74 -33.49 17.27
N GLY A 400 4.97 -32.68 16.53
CA GLY A 400 4.14 -31.69 17.19
C GLY A 400 4.82 -30.34 17.35
N VAL A 401 5.79 -30.01 16.47
CA VAL A 401 6.41 -28.66 16.52
C VAL A 401 6.78 -28.20 15.12
N ALA A 402 6.79 -26.89 14.93
CA ALA A 402 7.07 -26.31 13.65
C ALA A 402 8.02 -25.13 13.88
N TYR A 403 8.79 -24.80 12.85
CA TYR A 403 9.69 -23.64 12.88
C TYR A 403 9.79 -23.21 11.43
N VAL A 404 10.42 -22.08 11.14
CA VAL A 404 10.60 -21.75 9.72
C VAL A 404 11.99 -22.18 9.29
N PRO A 405 12.10 -23.00 8.23
CA PRO A 405 13.44 -23.37 7.71
C PRO A 405 14.19 -22.09 7.29
N GLY A 406 15.50 -21.96 7.61
CA GLY A 406 16.23 -20.72 7.31
C GLY A 406 16.55 -20.50 5.84
N GLU A 407 16.45 -21.55 5.00
CA GLU A 407 16.87 -21.43 3.56
C GLU A 407 16.32 -20.19 2.86
N ALA A 408 15.03 -19.92 2.99
CA ALA A 408 14.44 -18.80 2.24
C ALA A 408 14.92 -17.43 2.70
N PHE A 409 15.51 -17.39 3.90
CA PHE A 409 16.13 -16.15 4.39
C PHE A 409 17.48 -15.81 3.71
N TYR A 410 17.94 -16.65 2.79
CA TYR A 410 19.23 -16.40 2.14
C TYR A 410 18.96 -16.06 0.69
N ALA A 411 19.49 -14.95 0.22
CA ALA A 411 19.27 -14.47 -1.15
C ALA A 411 19.58 -15.60 -2.13
N HIS A 412 20.64 -16.32 -1.84
CA HIS A 412 21.12 -17.33 -2.76
C HIS A 412 20.59 -18.70 -2.35
N ARG A 413 19.73 -18.73 -1.31
CA ARG A 413 19.13 -20.03 -0.85
C ARG A 413 20.17 -21.15 -0.70
N ASP A 414 21.34 -20.83 -0.18
CA ASP A 414 22.45 -21.76 -0.19
C ASP A 414 22.90 -22.29 1.18
N VAL A 415 22.16 -21.98 2.25
CA VAL A 415 22.45 -22.52 3.55
C VAL A 415 21.20 -23.28 4.00
N LYS A 416 21.38 -24.51 4.43
CA LYS A 416 20.28 -25.42 4.59
C LYS A 416 20.08 -26.00 6.00
N ASN A 417 20.97 -25.65 6.88
CA ASN A 417 21.03 -26.20 8.27
C ASN A 417 20.54 -25.22 9.34
N THR A 418 19.77 -24.20 8.93
CA THR A 418 19.30 -23.18 9.90
C THR A 418 17.81 -23.15 10.14
N MET A 419 17.42 -22.51 11.28
CA MET A 419 15.97 -22.35 11.60
C MET A 419 15.68 -21.09 12.35
N ARG A 420 14.54 -20.45 12.10
CA ARG A 420 14.12 -19.28 12.90
C ARG A 420 13.02 -19.75 13.86
N LEU A 421 13.21 -19.43 15.13
CA LEU A 421 12.29 -19.73 16.21
C LEU A 421 11.78 -18.42 16.74
N ASN A 422 10.50 -18.39 16.99
CA ASN A 422 9.84 -17.26 17.62
C ASN A 422 9.41 -17.54 19.08
N PHE A 423 9.72 -16.63 19.98
CA PHE A 423 9.33 -16.80 21.39
C PHE A 423 8.22 -15.84 21.90
N THR A 424 7.75 -14.94 21.06
CA THR A 424 6.79 -13.93 21.47
C THR A 424 5.37 -14.42 21.55
N TYR A 425 5.01 -15.35 20.68
CA TYR A 425 3.60 -15.64 20.42
C TYR A 425 3.29 -17.12 20.44
N VAL A 426 3.55 -17.76 21.54
CA VAL A 426 2.77 -18.92 21.99
C VAL A 426 3.20 -18.97 23.42
N ASP A 427 2.50 -19.67 24.15
CA ASP A 427 2.73 -19.49 25.58
C ASP A 427 3.89 -20.25 26.22
N GLU A 428 4.38 -19.57 27.35
CA GLU A 428 5.62 -20.01 28.06
C GLU A 428 5.74 -21.52 28.36
N ASP A 429 4.63 -22.14 28.72
CA ASP A 429 4.63 -23.59 28.90
C ASP A 429 4.92 -24.29 27.56
N LYS A 430 4.36 -23.74 26.49
CA LYS A 430 4.48 -24.32 25.18
C LYS A 430 5.87 -24.11 24.63
N ILE A 431 6.58 -23.05 25.07
CA ILE A 431 7.99 -22.83 24.66
C ILE A 431 8.83 -24.01 25.14
N MET A 432 8.72 -24.34 26.44
CA MET A 432 9.55 -25.43 26.98
C MET A 432 9.22 -26.72 26.20
N GLU A 433 7.91 -26.96 26.01
CA GLU A 433 7.51 -28.24 25.45
C GLU A 433 7.84 -28.31 23.95
N GLY A 434 7.66 -27.16 23.27
CA GLY A 434 8.12 -27.03 21.89
C GLY A 434 9.61 -27.23 21.67
N ILE A 435 10.45 -26.59 22.50
CA ILE A 435 11.90 -26.75 22.38
C ILE A 435 12.27 -28.27 22.62
N LYS A 436 11.64 -28.86 23.63
CA LYS A 436 11.86 -30.28 23.86
C LYS A 436 11.48 -31.11 22.64
N ARG A 437 10.32 -30.85 22.03
CA ARG A 437 9.95 -31.71 20.86
C ARG A 437 10.95 -31.47 19.71
N LEU A 438 11.38 -30.22 19.55
CA LEU A 438 12.38 -29.88 18.52
C LEU A 438 13.72 -30.60 18.72
N ALA A 439 14.19 -30.61 19.97
CA ALA A 439 15.38 -31.31 20.37
C ALA A 439 15.29 -32.80 20.10
N GLU A 440 14.12 -33.38 20.34
CA GLU A 440 13.99 -34.83 20.13
C GLU A 440 13.95 -35.11 18.61
N THR A 441 13.33 -34.20 17.86
CA THR A 441 13.34 -34.27 16.39
C THR A 441 14.77 -34.27 15.84
N ILE A 442 15.62 -33.36 16.33
CA ILE A 442 17.01 -33.24 15.93
C ILE A 442 17.81 -34.52 16.26
N LYS A 443 17.76 -34.95 17.52
CA LYS A 443 18.27 -36.30 17.90
C LYS A 443 17.87 -37.46 16.93
N GLU A 444 16.60 -37.60 16.58
CA GLU A 444 16.15 -38.66 15.68
C GLU A 444 16.74 -38.48 14.29
N GLU A 445 16.71 -37.24 13.81
CA GLU A 445 17.31 -36.88 12.54
C GLU A 445 18.80 -37.21 12.50
N LEU A 446 19.50 -37.02 13.62
CA LEU A 446 20.91 -37.37 13.69
C LEU A 446 21.22 -38.88 13.55
N LYS A 447 20.23 -39.77 13.63
CA LYS A 447 20.43 -41.23 13.32
C LYS A 447 19.67 -41.64 12.05
N ALA A 448 20.17 -42.59 11.24
CA ALA A 448 21.54 -43.14 11.33
C ALA A 448 22.48 -42.49 10.28
N SER B 45 19.33 18.42 -1.98
CA SER B 45 19.76 17.17 -1.26
C SER B 45 21.20 17.24 -0.65
N MET B 46 21.42 16.59 0.50
CA MET B 46 22.81 16.56 1.06
C MET B 46 23.78 15.54 0.39
N LEU B 47 23.27 14.75 -0.56
CA LEU B 47 24.11 13.86 -1.39
C LEU B 47 24.47 14.47 -2.73
N GLY B 48 24.06 15.72 -2.97
CA GLY B 48 24.39 16.40 -4.19
C GLY B 48 23.56 15.91 -5.38
N ASP B 49 24.20 15.23 -6.33
CA ASP B 49 23.46 14.68 -7.44
C ASP B 49 22.77 13.39 -6.97
N VAL B 50 21.69 13.51 -6.22
CA VAL B 50 21.04 12.34 -5.67
C VAL B 50 20.45 11.44 -6.77
N GLU B 51 20.08 12.06 -7.89
CA GLU B 51 19.62 11.33 -9.06
C GLU B 51 20.53 10.18 -9.48
N ARG B 52 21.84 10.26 -9.18
CA ARG B 52 22.79 9.21 -9.56
C ARG B 52 22.38 7.85 -9.00
N PHE B 53 21.53 7.86 -7.97
CA PHE B 53 21.02 6.60 -7.37
C PHE B 53 19.70 6.12 -7.92
N PHE B 54 18.94 6.98 -8.62
CA PHE B 54 17.54 6.66 -8.91
C PHE B 54 17.41 5.69 -10.07
N SER B 55 16.39 4.82 -9.99
CA SER B 55 16.01 4.00 -11.14
C SER B 55 15.51 4.84 -12.32
N LYS B 56 15.50 4.20 -13.47
CA LYS B 56 14.97 4.79 -14.73
C LYS B 56 13.56 5.30 -14.51
N LYS B 57 12.72 4.45 -13.95
CA LYS B 57 11.36 4.89 -13.61
C LYS B 57 11.30 6.06 -12.59
N ALA B 58 12.16 6.08 -11.57
CA ALA B 58 12.13 7.21 -10.66
C ALA B 58 12.59 8.47 -11.39
N LEU B 59 13.51 8.34 -12.35
CA LEU B 59 13.99 9.52 -13.05
C LEU B 59 12.87 10.11 -13.90
N GLU B 60 11.93 9.30 -14.35
CA GLU B 60 10.79 9.82 -15.14
C GLU B 60 9.69 10.46 -14.26
N MET B 61 9.57 9.99 -13.01
CA MET B 61 8.66 10.59 -12.04
C MET B 61 8.88 12.07 -11.81
N ARG B 62 7.80 12.82 -12.00
CA ARG B 62 7.84 14.24 -11.79
C ARG B 62 6.47 14.50 -11.20
N ALA B 63 6.32 15.45 -10.31
CA ALA B 63 4.93 15.88 -10.15
C ALA B 63 4.81 17.14 -9.43
N SER B 64 3.88 18.03 -9.84
CA SER B 64 3.24 18.25 -11.18
C SER B 64 2.88 19.72 -11.00
N GLU B 65 3.21 20.57 -11.97
CA GLU B 65 3.02 22.03 -11.81
C GLU B 65 1.59 22.40 -11.39
N VAL B 66 0.58 21.95 -12.14
CA VAL B 66 -0.81 22.24 -11.71
C VAL B 66 -1.24 21.60 -10.38
N ARG B 67 -0.87 20.36 -10.11
CA ARG B 67 -1.23 19.79 -8.81
C ARG B 67 -0.62 20.60 -7.65
N GLU B 68 0.60 21.07 -7.85
CA GLU B 68 1.27 21.92 -6.83
C GLU B 68 0.59 23.30 -6.66
N LEU B 69 0.25 23.95 -7.76
CA LEU B 69 -0.56 25.15 -7.69
C LEU B 69 -1.86 24.91 -6.91
N LEU B 70 -2.63 23.89 -7.31
CA LEU B 70 -3.89 23.60 -6.67
C LEU B 70 -3.77 23.25 -5.17
N LYS B 71 -2.68 22.58 -4.76
CA LYS B 71 -2.42 22.41 -3.30
C LYS B 71 -2.54 23.75 -2.57
N LEU B 72 -1.77 24.73 -3.07
CA LEU B 72 -1.70 26.09 -2.51
C LEU B 72 -3.06 26.81 -2.55
N VAL B 73 -3.79 26.64 -3.65
CA VAL B 73 -5.16 27.20 -3.75
C VAL B 73 -6.09 26.72 -2.61
N GLU B 74 -6.05 25.40 -2.40
CA GLU B 74 -6.89 24.68 -1.48
C GLU B 74 -6.75 25.28 -0.05
N THR B 75 -5.60 25.91 0.23
CA THR B 75 -5.28 26.53 1.53
C THR B 75 -5.59 28.06 1.64
N SER B 76 -5.86 28.72 0.51
CA SER B 76 -6.20 30.15 0.48
C SER B 76 -7.72 30.40 0.53
N ASP B 77 -8.13 31.65 0.33
CA ASP B 77 -9.53 32.06 0.37
C ASP B 77 -10.33 31.76 -0.90
N ILE B 78 -9.64 31.47 -2.00
CA ILE B 78 -10.23 31.10 -3.30
C ILE B 78 -11.36 30.05 -3.18
N ILE B 79 -12.37 30.12 -4.04
CA ILE B 79 -13.41 29.13 -4.07
C ILE B 79 -12.91 27.98 -4.96
N SER B 80 -12.43 26.90 -4.36
CA SER B 80 -11.87 25.84 -5.25
C SER B 80 -12.91 24.81 -5.65
N LEU B 81 -13.12 24.65 -6.94
CA LEU B 81 -13.92 23.56 -7.47
C LEU B 81 -13.00 22.39 -7.94
N ALA B 82 -11.74 22.41 -7.53
CA ALA B 82 -10.75 21.53 -8.12
C ALA B 82 -10.53 20.20 -7.39
N GLY B 83 -11.13 20.00 -6.24
CA GLY B 83 -10.69 18.88 -5.39
C GLY B 83 -11.50 17.64 -5.73
N GLY B 84 -11.06 16.47 -5.27
CA GLY B 84 -11.84 15.26 -5.45
C GLY B 84 -12.17 14.65 -4.11
N LEU B 85 -12.42 15.50 -3.12
CA LEU B 85 -12.68 15.09 -1.73
C LEU B 85 -14.18 14.97 -1.49
N PRO B 86 -14.61 13.85 -0.88
CA PRO B 86 -16.01 13.82 -0.37
C PRO B 86 -16.17 14.80 0.84
N ASN B 87 -17.40 15.14 1.15
CA ASN B 87 -17.68 16.15 2.20
C ASN B 87 -17.74 15.43 3.55
N PRO B 88 -17.01 15.92 4.54
CA PRO B 88 -16.99 15.18 5.82
C PRO B 88 -18.34 15.16 6.54
N LYS B 89 -19.28 16.03 6.12
CA LYS B 89 -20.63 15.99 6.61
C LYS B 89 -21.29 14.66 6.30
N THR B 90 -20.77 13.92 5.32
CA THR B 90 -21.37 12.64 4.94
C THR B 90 -20.71 11.49 5.67
N PHE B 91 -19.67 11.72 6.48
CA PHE B 91 -19.06 10.60 7.21
C PHE B 91 -20.07 10.24 8.33
N PRO B 92 -20.40 8.94 8.48
CA PRO B 92 -21.38 8.55 9.51
C PRO B 92 -20.66 8.46 10.90
N LYS B 93 -20.35 9.60 11.50
CA LYS B 93 -19.49 9.58 12.67
C LYS B 93 -20.11 8.95 13.93
N GLU B 94 -21.42 9.09 14.07
CA GLU B 94 -22.07 8.35 15.18
C GLU B 94 -21.96 6.83 15.00
N ILE B 95 -22.20 6.32 13.78
CA ILE B 95 -22.12 4.88 13.50
C ILE B 95 -20.66 4.45 13.73
N ILE B 96 -19.73 5.25 13.20
CA ILE B 96 -18.28 4.93 13.37
C ILE B 96 -17.92 4.80 14.86
N ARG B 97 -18.35 5.74 15.67
CA ARG B 97 -18.08 5.66 17.08
C ARG B 97 -18.59 4.36 17.74
N ASP B 98 -19.84 4.00 17.48
CA ASP B 98 -20.44 2.76 18.07
C ASP B 98 -19.64 1.56 17.56
N ILE B 99 -19.24 1.59 16.29
CA ILE B 99 -18.48 0.45 15.76
C ILE B 99 -17.12 0.34 16.47
N LEU B 100 -16.47 1.48 16.74
CA LEU B 100 -15.21 1.37 17.38
C LEU B 100 -15.28 0.83 18.81
N VAL B 101 -16.33 1.23 19.53
CA VAL B 101 -16.64 0.71 20.84
C VAL B 101 -16.82 -0.80 20.74
N GLU B 102 -17.66 -1.22 19.80
CA GLU B 102 -17.95 -2.66 19.59
C GLU B 102 -16.66 -3.42 19.30
N ILE B 103 -15.77 -2.84 18.48
CA ILE B 103 -14.52 -3.51 18.13
C ILE B 103 -13.66 -3.65 19.35
N MET B 104 -13.50 -2.58 20.14
CA MET B 104 -12.63 -2.67 21.34
C MET B 104 -13.19 -3.66 22.39
N GLU B 105 -14.52 -3.80 22.43
CA GLU B 105 -15.21 -4.76 23.29
C GLU B 105 -15.11 -6.23 22.80
N LYS B 106 -15.22 -6.48 21.49
CA LYS B 106 -15.47 -7.85 21.02
C LYS B 106 -14.43 -8.40 20.03
N TYR B 107 -13.80 -7.48 19.29
CA TYR B 107 -12.92 -7.88 18.18
C TYR B 107 -11.50 -7.30 18.26
N ALA B 108 -11.06 -6.89 19.45
CA ALA B 108 -9.82 -6.16 19.58
C ALA B 108 -8.60 -6.87 19.03
N ASP B 109 -8.39 -8.13 19.42
CA ASP B 109 -7.20 -8.81 18.94
C ASP B 109 -7.23 -8.99 17.41
N LYS B 110 -8.41 -9.13 16.81
CA LYS B 110 -8.47 -9.34 15.38
C LYS B 110 -8.17 -8.05 14.62
N ALA B 111 -8.76 -6.96 15.10
CA ALA B 111 -8.57 -5.60 14.55
C ALA B 111 -7.13 -5.09 14.65
N LEU B 112 -6.40 -5.54 15.66
CA LEU B 112 -5.07 -5.05 15.97
C LEU B 112 -3.93 -5.92 15.50
N GLN B 113 -4.18 -7.17 15.20
CA GLN B 113 -3.12 -8.10 14.80
C GLN B 113 -2.88 -8.02 13.29
N TYR B 114 -1.71 -8.46 12.81
CA TYR B 114 -1.52 -8.65 11.38
C TYR B 114 -2.73 -9.51 10.84
N GLY B 115 -3.17 -9.22 9.61
CA GLY B 115 -4.20 -10.03 8.90
C GLY B 115 -3.58 -10.79 7.70
N THR B 116 -4.36 -11.66 7.07
CA THR B 116 -3.86 -12.31 5.84
C THR B 116 -3.79 -11.33 4.65
N THR B 117 -3.00 -11.70 3.62
CA THR B 117 -2.80 -10.83 2.47
C THR B 117 -4.08 -10.61 1.72
N LYS B 118 -4.89 -11.67 1.63
CA LYS B 118 -6.19 -11.62 0.92
C LYS B 118 -7.27 -10.70 1.53
N GLY B 119 -7.18 -10.52 2.84
CA GLY B 119 -8.10 -9.71 3.59
C GLY B 119 -8.79 -10.40 4.76
N PHE B 120 -9.43 -9.58 5.60
CA PHE B 120 -10.23 -10.10 6.71
C PHE B 120 -11.40 -10.97 6.25
N THR B 121 -11.43 -12.26 6.61
CA THR B 121 -12.46 -13.12 6.01
C THR B 121 -13.94 -12.64 6.10
N PRO B 122 -14.39 -12.16 7.28
CA PRO B 122 -15.78 -11.69 7.40
C PRO B 122 -16.11 -10.49 6.53
N LEU B 123 -15.14 -9.59 6.33
CA LEU B 123 -15.36 -8.48 5.39
C LEU B 123 -15.46 -9.07 3.98
N ARG B 124 -14.60 -10.02 3.63
CA ARG B 124 -14.63 -10.56 2.26
C ARG B 124 -15.98 -11.23 2.01
N GLU B 125 -16.45 -11.94 3.04
CA GLU B 125 -17.70 -12.69 2.94
C GLU B 125 -18.90 -11.78 2.87
N THR B 126 -18.96 -10.75 3.74
CA THR B 126 -20.06 -9.81 3.75
C THR B 126 -20.10 -8.99 2.46
N LEU B 127 -18.96 -8.60 1.90
CA LEU B 127 -18.95 -7.84 0.63
C LEU B 127 -19.49 -8.66 -0.50
N MET B 128 -19.05 -9.90 -0.58
CA MET B 128 -19.58 -10.75 -1.65
C MET B 128 -21.10 -10.98 -1.54
N LYS B 129 -21.63 -11.12 -0.33
CA LYS B 129 -23.05 -11.24 -0.17
C LYS B 129 -23.72 -9.94 -0.58
N TRP B 130 -23.14 -8.81 -0.17
CA TRP B 130 -23.72 -7.48 -0.50
C TRP B 130 -23.70 -7.25 -1.99
N LEU B 131 -22.55 -7.46 -2.61
CA LEU B 131 -22.47 -7.33 -4.04
C LEU B 131 -23.40 -8.32 -4.79
N GLY B 132 -23.56 -9.55 -4.26
CA GLY B 132 -24.42 -10.55 -4.95
C GLY B 132 -25.85 -10.05 -4.90
N LYS B 133 -26.32 -9.74 -3.70
CA LYS B 133 -27.67 -9.31 -3.50
C LYS B 133 -27.96 -7.98 -4.17
N ARG B 134 -27.06 -7.02 -4.03
CA ARG B 134 -27.39 -5.68 -4.48
C ARG B 134 -27.17 -5.44 -5.99
N TYR B 135 -26.15 -6.05 -6.55
CA TYR B 135 -25.80 -5.80 -7.95
C TYR B 135 -25.92 -7.00 -8.86
N GLY B 136 -26.11 -8.20 -8.31
CA GLY B 136 -26.25 -9.44 -9.08
C GLY B 136 -24.89 -9.97 -9.49
N ILE B 137 -23.85 -9.60 -8.75
CA ILE B 137 -22.51 -10.10 -9.06
C ILE B 137 -22.39 -11.58 -8.64
N SER B 138 -21.83 -12.40 -9.52
CA SER B 138 -21.81 -13.82 -9.36
C SER B 138 -20.90 -14.24 -8.20
N GLN B 139 -21.38 -15.20 -7.41
CA GLN B 139 -20.62 -15.73 -6.29
C GLN B 139 -19.47 -16.64 -6.73
N ASP B 140 -19.36 -16.93 -8.04
CA ASP B 140 -18.19 -17.67 -8.56
C ASP B 140 -16.89 -16.84 -8.49
N ASN B 141 -17.00 -15.53 -8.31
CA ASN B 141 -15.77 -14.74 -8.22
C ASN B 141 -15.12 -14.89 -6.87
N ASP B 142 -13.83 -14.59 -6.83
CA ASP B 142 -13.13 -14.38 -5.59
C ASP B 142 -13.00 -12.91 -5.36
N ILE B 143 -12.51 -12.59 -4.15
CA ILE B 143 -12.40 -11.23 -3.72
C ILE B 143 -11.14 -11.04 -2.88
N MET B 144 -10.47 -9.91 -3.14
CA MET B 144 -9.38 -9.50 -2.31
C MET B 144 -9.63 -8.09 -1.80
N ILE B 145 -9.19 -7.81 -0.57
CA ILE B 145 -9.33 -6.47 -0.04
C ILE B 145 -8.07 -5.71 -0.34
N THR B 146 -8.20 -4.45 -0.72
CA THR B 146 -7.04 -3.67 -1.06
C THR B 146 -6.92 -2.40 -0.20
N SER B 147 -5.77 -1.77 -0.29
CA SER B 147 -5.56 -0.51 0.46
C SER B 147 -6.13 0.68 -0.29
N GLY B 148 -7.44 0.68 -0.41
CA GLY B 148 -8.15 1.53 -1.38
C GLY B 148 -8.11 1.00 -2.79
N SER B 149 -9.03 1.52 -3.60
CA SER B 149 -9.03 1.20 -5.01
C SER B 149 -7.76 1.61 -5.74
N GLN B 150 -7.10 2.67 -5.29
CA GLN B 150 -5.87 3.07 -5.97
C GLN B 150 -4.87 1.90 -5.93
N GLN B 151 -4.76 1.28 -4.76
CA GLN B 151 -3.79 0.15 -4.76
C GLN B 151 -4.16 -0.90 -5.82
N ALA B 152 -5.46 -1.16 -5.98
CA ALA B 152 -5.91 -2.18 -6.94
C ALA B 152 -5.39 -1.87 -8.34
N LEU B 153 -5.33 -0.60 -8.69
CA LEU B 153 -4.81 -0.21 -9.96
C LEU B 153 -3.34 -0.45 -10.09
N ASP B 154 -2.56 -0.17 -9.06
CA ASP B 154 -1.12 -0.44 -9.14
C ASP B 154 -0.96 -2.00 -9.32
N LEU B 155 -1.73 -2.77 -8.58
CA LEU B 155 -1.61 -4.22 -8.62
C LEU B 155 -2.01 -4.78 -10.02
N ILE B 156 -3.06 -4.24 -10.63
CA ILE B 156 -3.42 -4.55 -12.03
C ILE B 156 -2.24 -4.27 -12.95
N GLY B 157 -1.60 -3.10 -12.82
CA GLY B 157 -0.43 -2.84 -13.67
C GLY B 157 0.70 -3.86 -13.40
N ARG B 158 1.02 -4.16 -12.15
CA ARG B 158 2.06 -5.15 -11.86
C ARG B 158 1.74 -6.50 -12.44
N VAL B 159 0.50 -6.92 -12.27
CA VAL B 159 0.16 -8.30 -12.60
C VAL B 159 -0.05 -8.47 -14.11
N PHE B 160 -0.54 -7.43 -14.82
CA PHE B 160 -0.84 -7.61 -16.23
C PHE B 160 0.15 -7.01 -17.23
N LEU B 161 0.81 -5.90 -16.86
CA LEU B 161 1.49 -5.08 -17.83
C LEU B 161 2.99 -5.27 -17.96
N ASN B 162 3.37 -5.68 -19.16
CA ASN B 162 4.72 -5.67 -19.65
C ASN B 162 4.86 -4.31 -20.41
N PRO B 163 6.09 -3.79 -20.51
CA PRO B 163 6.30 -2.55 -21.20
C PRO B 163 5.82 -2.67 -22.61
N GLY B 164 5.12 -1.66 -23.11
CA GLY B 164 4.53 -1.85 -24.40
C GLY B 164 3.16 -2.47 -24.47
N ASP B 165 2.64 -3.15 -23.42
CA ASP B 165 1.31 -3.78 -23.57
C ASP B 165 0.28 -2.65 -23.81
N ILE B 166 -0.77 -2.97 -24.49
CA ILE B 166 -1.66 -1.90 -24.85
C ILE B 166 -2.85 -1.88 -23.86
N VAL B 167 -3.11 -0.70 -23.33
CA VAL B 167 -4.22 -0.48 -22.40
C VAL B 167 -5.17 0.54 -23.02
N VAL B 168 -6.44 0.18 -23.13
CA VAL B 168 -7.49 1.11 -23.55
C VAL B 168 -8.04 1.86 -22.35
N VAL B 169 -8.15 3.19 -22.50
CA VAL B 169 -8.75 4.05 -21.48
C VAL B 169 -9.73 4.98 -22.17
N GLU B 170 -10.68 5.51 -21.37
CA GLU B 170 -11.58 6.54 -21.81
C GLU B 170 -10.79 7.83 -21.92
N ALA B 171 -11.28 8.77 -22.72
CA ALA B 171 -10.69 10.09 -22.94
C ALA B 171 -11.87 11.05 -22.65
N PRO B 172 -11.88 11.70 -21.48
CA PRO B 172 -10.90 11.60 -20.38
C PRO B 172 -11.00 10.27 -19.58
N THR B 173 -10.06 10.06 -18.69
CA THR B 173 -10.20 8.95 -17.67
C THR B 173 -9.66 9.47 -16.34
N TYR B 174 -9.71 8.60 -15.34
CA TYR B 174 -9.24 8.96 -14.01
C TYR B 174 -7.70 9.12 -14.01
N LEU B 175 -7.24 10.31 -13.65
CA LEU B 175 -5.84 10.71 -13.75
C LEU B 175 -4.90 9.75 -13.01
N ALA B 176 -5.26 9.38 -11.78
CA ALA B 176 -4.35 8.51 -11.01
C ALA B 176 -4.36 7.02 -11.48
N ALA B 177 -5.29 6.62 -12.34
CA ALA B 177 -5.14 5.30 -12.96
C ALA B 177 -4.01 5.38 -14.00
N LEU B 178 -3.98 6.47 -14.79
CA LEU B 178 -2.85 6.69 -15.76
C LEU B 178 -1.51 6.68 -14.99
N GLN B 179 -1.48 7.36 -13.84
CA GLN B 179 -0.26 7.47 -13.04
C GLN B 179 0.16 6.10 -12.47
N ALA B 180 -0.82 5.31 -12.10
CA ALA B 180 -0.51 3.96 -11.59
C ALA B 180 0.05 3.14 -12.76
N PHE B 181 -0.70 3.13 -13.86
CA PHE B 181 -0.33 2.28 -15.02
C PHE B 181 0.97 2.70 -15.63
N ASN B 182 1.27 4.04 -15.58
CA ASN B 182 2.49 4.55 -16.23
C ASN B 182 3.82 3.94 -15.75
N PHE B 183 3.87 3.61 -14.48
CA PHE B 183 5.05 2.87 -13.92
C PHE B 183 5.39 1.62 -14.72
N TYR B 184 4.37 0.94 -15.27
CA TYR B 184 4.54 -0.29 -16.07
C TYR B 184 4.72 -0.11 -17.59
N GLU B 185 4.75 1.14 -18.02
CA GLU B 185 5.07 1.50 -19.41
C GLU B 185 4.12 0.94 -20.48
N PRO B 186 2.80 1.07 -20.28
CA PRO B 186 1.92 0.63 -21.33
C PRO B 186 1.91 1.64 -22.49
N GLN B 187 1.37 1.22 -23.64
CA GLN B 187 0.91 2.16 -24.69
C GLN B 187 -0.58 2.31 -24.48
N TYR B 188 -1.11 3.55 -24.62
CA TYR B 188 -2.52 3.72 -24.49
C TYR B 188 -3.24 3.89 -25.78
N ILE B 189 -4.46 3.36 -25.81
CA ILE B 189 -5.40 3.77 -26.81
C ILE B 189 -6.54 4.51 -26.10
N GLN B 190 -6.88 5.74 -26.52
CA GLN B 190 -7.94 6.55 -25.91
C GLN B 190 -9.25 6.40 -26.66
N ILE B 191 -10.36 6.13 -25.96
CA ILE B 191 -11.66 6.07 -26.61
C ILE B 191 -12.56 7.21 -26.05
N PRO B 192 -12.97 8.13 -26.93
CA PRO B 192 -13.77 9.26 -26.42
C PRO B 192 -15.09 8.84 -25.75
N LEU B 193 -15.49 9.65 -24.78
CA LEU B 193 -16.84 9.60 -24.21
C LEU B 193 -17.79 10.51 -24.94
N ASP B 194 -19.09 10.22 -24.80
CA ASP B 194 -20.13 11.20 -25.10
C ASP B 194 -21.03 11.15 -23.90
N ASP B 195 -22.25 11.65 -24.04
CA ASP B 195 -23.09 11.67 -22.84
C ASP B 195 -23.64 10.33 -22.36
N GLU B 196 -23.44 9.27 -23.13
CA GLU B 196 -23.76 7.93 -22.63
C GLU B 196 -22.47 7.07 -22.48
N GLY B 197 -21.38 7.75 -22.13
CA GLY B 197 -20.14 7.07 -21.70
C GLY B 197 -19.28 6.70 -22.92
N MET B 198 -18.44 5.68 -22.75
CA MET B 198 -17.47 5.30 -23.74
C MET B 198 -18.19 5.06 -25.07
N LYS B 199 -17.70 5.67 -26.13
CA LYS B 199 -18.23 5.31 -27.45
C LYS B 199 -17.66 3.96 -27.89
N VAL B 200 -18.36 2.90 -27.54
CA VAL B 200 -17.78 1.57 -27.71
C VAL B 200 -17.59 1.28 -29.24
N GLU B 201 -18.34 1.99 -30.08
CA GLU B 201 -18.21 1.78 -31.53
C GLU B 201 -16.88 2.18 -32.03
N ILE B 202 -16.35 3.26 -31.45
CA ILE B 202 -15.00 3.68 -31.72
C ILE B 202 -13.96 2.66 -31.18
N LEU B 203 -14.15 2.12 -29.99
CA LEU B 203 -13.34 0.97 -29.54
C LEU B 203 -13.30 -0.19 -30.57
N GLU B 204 -14.46 -0.60 -31.10
CA GLU B 204 -14.46 -1.66 -32.13
C GLU B 204 -13.61 -1.25 -33.34
N GLU B 205 -13.70 0.01 -33.74
CA GLU B 205 -12.97 0.45 -34.91
C GLU B 205 -11.48 0.39 -34.65
N LYS B 206 -11.07 0.87 -33.45
CA LYS B 206 -9.64 0.84 -33.03
C LYS B 206 -9.10 -0.58 -32.82
N LEU B 207 -9.96 -1.45 -32.32
CA LEU B 207 -9.58 -2.86 -32.19
C LEU B 207 -9.30 -3.50 -33.58
N LYS B 208 -10.19 -3.25 -34.54
CA LYS B 208 -10.01 -3.74 -35.94
C LYS B 208 -8.74 -3.18 -36.57
N GLU B 209 -8.48 -1.88 -36.40
CA GLU B 209 -7.18 -1.38 -36.89
C GLU B 209 -5.98 -2.00 -36.20
N LEU B 210 -6.07 -2.21 -34.91
CA LEU B 210 -4.96 -2.83 -34.22
C LEU B 210 -4.69 -4.23 -34.72
N LYS B 211 -5.76 -5.02 -34.89
CA LYS B 211 -5.70 -6.34 -35.51
C LYS B 211 -4.99 -6.33 -36.89
N SER B 212 -5.30 -5.35 -37.72
CA SER B 212 -4.68 -5.15 -39.02
C SER B 212 -3.17 -4.84 -38.90
N GLN B 213 -2.71 -4.54 -37.70
CA GLN B 213 -1.31 -4.26 -37.49
C GLN B 213 -0.66 -5.40 -36.73
N GLY B 214 -1.41 -6.48 -36.51
CA GLY B 214 -0.92 -7.68 -35.79
C GLY B 214 -0.81 -7.49 -34.28
N LYS B 215 -1.54 -6.48 -33.76
CA LYS B 215 -1.46 -6.05 -32.37
C LYS B 215 -2.78 -6.33 -31.66
N LYS B 216 -2.75 -6.39 -30.34
CA LYS B 216 -3.99 -6.43 -29.62
C LYS B 216 -3.94 -5.73 -28.29
N VAL B 217 -5.14 -5.56 -27.72
CA VAL B 217 -5.32 -4.88 -26.42
C VAL B 217 -5.23 -5.90 -25.30
N LYS B 218 -4.49 -5.60 -24.23
CA LYS B 218 -4.55 -6.46 -23.05
C LYS B 218 -5.70 -6.14 -22.08
N VAL B 219 -5.90 -4.86 -21.77
CA VAL B 219 -6.84 -4.48 -20.68
C VAL B 219 -7.58 -3.25 -21.21
N VAL B 220 -8.89 -3.26 -20.98
CA VAL B 220 -9.71 -2.11 -21.13
C VAL B 220 -10.11 -1.63 -19.74
N TYR B 221 -9.72 -0.39 -19.43
CA TYR B 221 -9.96 0.23 -18.14
C TYR B 221 -11.12 1.20 -18.31
N THR B 222 -12.21 1.00 -17.55
CA THR B 222 -13.41 1.79 -17.68
C THR B 222 -13.85 2.27 -16.30
N VAL B 223 -14.33 3.53 -16.23
CA VAL B 223 -14.98 3.99 -14.96
C VAL B 223 -16.40 4.31 -15.45
N PRO B 224 -17.28 3.30 -15.48
CA PRO B 224 -18.43 3.47 -16.33
C PRO B 224 -19.62 4.17 -15.66
N THR B 225 -19.57 4.46 -14.37
CA THR B 225 -20.75 5.08 -13.71
C THR B 225 -20.38 6.39 -12.95
N PHE B 226 -20.92 7.51 -13.39
CA PHE B 226 -20.67 8.81 -12.79
C PHE B 226 -19.15 9.04 -12.85
N GLN B 227 -18.59 9.00 -14.06
CA GLN B 227 -17.13 8.97 -14.17
C GLN B 227 -16.38 10.05 -13.42
N ASN B 228 -15.27 9.67 -12.82
CA ASN B 228 -14.28 10.71 -12.47
C ASN B 228 -13.33 10.77 -13.69
N PRO B 229 -13.31 11.90 -14.44
CA PRO B 229 -13.79 13.28 -14.17
C PRO B 229 -15.11 13.65 -14.90
N ALA B 230 -15.55 12.80 -15.84
CA ALA B 230 -16.58 13.29 -16.79
C ALA B 230 -18.02 13.39 -16.27
N GLY B 231 -18.34 12.57 -15.25
CA GLY B 231 -19.68 12.56 -14.68
C GLY B 231 -20.67 11.66 -15.40
N VAL B 232 -20.32 11.17 -16.60
CA VAL B 232 -21.29 10.47 -17.44
C VAL B 232 -21.24 8.98 -17.12
N THR B 233 -22.21 8.25 -17.68
CA THR B 233 -22.44 6.84 -17.33
C THR B 233 -22.61 6.06 -18.66
N MET B 234 -21.89 4.95 -18.78
CA MET B 234 -22.00 4.08 -19.95
C MET B 234 -23.37 3.41 -19.91
N ASN B 235 -24.14 3.57 -21.00
CA ASN B 235 -25.47 2.93 -21.06
C ASN B 235 -25.41 1.42 -21.12
N GLU B 236 -26.57 0.80 -20.88
CA GLU B 236 -26.64 -0.66 -20.86
C GLU B 236 -26.13 -1.41 -22.15
N ASP B 237 -26.65 -1.02 -23.31
CA ASP B 237 -26.25 -1.58 -24.62
C ASP B 237 -24.71 -1.57 -24.77
N ARG B 238 -24.07 -0.45 -24.43
CA ARG B 238 -22.61 -0.37 -24.52
C ARG B 238 -21.84 -1.26 -23.54
N ARG B 239 -22.37 -1.46 -22.33
CA ARG B 239 -21.77 -2.44 -21.39
C ARG B 239 -21.81 -3.85 -22.02
N LYS B 240 -22.93 -4.23 -22.62
CA LYS B 240 -22.99 -5.57 -23.19
C LYS B 240 -22.13 -5.63 -24.41
N TYR B 241 -22.14 -4.55 -25.17
CA TYR B 241 -21.31 -4.46 -26.38
C TYR B 241 -19.83 -4.59 -25.99
N LEU B 242 -19.39 -3.82 -25.00
CA LEU B 242 -18.03 -3.99 -24.49
C LEU B 242 -17.69 -5.46 -24.12
N LEU B 243 -18.60 -6.20 -23.48
CA LEU B 243 -18.29 -7.58 -23.11
C LEU B 243 -18.19 -8.47 -24.37
N GLU B 244 -18.96 -8.14 -25.40
CA GLU B 244 -18.89 -8.96 -26.67
C GLU B 244 -17.53 -8.78 -27.27
N LEU B 245 -17.06 -7.52 -27.30
CA LEU B 245 -15.72 -7.21 -27.80
C LEU B 245 -14.62 -7.88 -26.96
N ALA B 246 -14.80 -7.94 -25.64
CA ALA B 246 -13.83 -8.51 -24.74
C ALA B 246 -13.66 -10.01 -25.08
N SER B 247 -14.77 -10.64 -25.47
CA SER B 247 -14.76 -12.06 -25.81
C SER B 247 -14.09 -12.22 -27.18
N GLU B 248 -14.54 -11.45 -28.14
CA GLU B 248 -14.07 -11.50 -29.52
C GLU B 248 -12.57 -11.19 -29.66
N TYR B 249 -12.09 -10.22 -28.86
CA TYR B 249 -10.71 -9.78 -29.01
C TYR B 249 -9.83 -10.26 -27.87
N ASP B 250 -10.44 -10.97 -26.91
CA ASP B 250 -9.76 -11.62 -25.78
C ASP B 250 -8.97 -10.63 -24.92
N PHE B 251 -9.70 -9.67 -24.33
CA PHE B 251 -9.07 -8.79 -23.35
C PHE B 251 -9.76 -8.86 -21.98
N ILE B 252 -9.11 -8.30 -20.96
CA ILE B 252 -9.69 -8.16 -19.61
C ILE B 252 -10.28 -6.76 -19.48
N VAL B 253 -11.43 -6.65 -18.81
CA VAL B 253 -12.03 -5.38 -18.51
C VAL B 253 -11.85 -5.06 -17.02
N VAL B 254 -11.30 -3.91 -16.74
CA VAL B 254 -11.29 -3.42 -15.36
C VAL B 254 -12.41 -2.39 -15.20
N GLU B 255 -13.36 -2.74 -14.33
CA GLU B 255 -14.49 -1.84 -14.02
C GLU B 255 -14.28 -1.19 -12.64
N ASP B 256 -14.06 0.12 -12.59
CA ASP B 256 -13.62 0.75 -11.35
C ASP B 256 -14.83 1.60 -10.99
N ASP B 257 -15.43 1.31 -9.83
CA ASP B 257 -16.75 1.91 -9.48
C ASP B 257 -16.77 2.49 -8.08
N PRO B 258 -16.12 3.66 -7.88
CA PRO B 258 -16.25 4.24 -6.52
C PRO B 258 -17.61 4.88 -6.26
N TYR B 259 -18.35 5.26 -7.34
CA TYR B 259 -19.42 6.29 -7.21
C TYR B 259 -20.84 5.79 -7.31
N GLY B 260 -21.03 4.49 -7.64
CA GLY B 260 -22.33 3.90 -7.99
C GLY B 260 -23.46 4.18 -7.01
N GLU B 261 -23.18 4.08 -5.71
CA GLU B 261 -24.23 4.34 -4.68
C GLU B 261 -24.48 5.82 -4.52
N LEU B 262 -23.65 6.62 -5.14
CA LEU B 262 -23.91 8.11 -5.01
C LEU B 262 -24.86 8.55 -6.12
N ARG B 263 -26.00 7.89 -6.18
CA ARG B 263 -27.01 8.20 -7.21
C ARG B 263 -28.08 9.25 -6.79
N TYR B 264 -28.27 10.29 -7.59
CA TYR B 264 -29.21 11.39 -7.19
C TYR B 264 -30.47 11.39 -8.04
N SER B 265 -30.38 10.82 -9.24
CA SER B 265 -31.53 10.77 -10.15
C SER B 265 -31.40 9.55 -11.07
N GLY B 266 -32.50 9.15 -11.69
CA GLY B 266 -32.46 8.08 -12.62
C GLY B 266 -32.49 6.75 -11.89
N ASN B 267 -32.34 5.69 -12.67
CA ASN B 267 -32.39 4.32 -12.16
C ASN B 267 -31.01 3.70 -12.14
N PRO B 268 -30.78 2.74 -11.20
CA PRO B 268 -29.49 2.04 -11.08
C PRO B 268 -29.12 1.38 -12.41
N GLU B 269 -27.87 1.53 -12.83
CA GLU B 269 -27.32 0.80 -13.95
C GLU B 269 -27.09 -0.67 -13.53
N LYS B 270 -26.84 -1.51 -14.51
CA LYS B 270 -26.28 -2.87 -14.26
C LYS B 270 -24.77 -2.76 -14.27
N LYS B 271 -24.09 -3.23 -13.23
CA LYS B 271 -22.64 -3.30 -13.28
C LYS B 271 -22.17 -4.14 -14.49
N ILE B 272 -21.10 -3.74 -15.15
CA ILE B 272 -20.53 -4.57 -16.23
C ILE B 272 -20.19 -5.94 -15.63
N LYS B 273 -19.67 -5.92 -14.40
CA LYS B 273 -19.36 -7.16 -13.68
C LYS B 273 -20.61 -8.10 -13.56
N ALA B 274 -21.80 -7.52 -13.39
CA ALA B 274 -23.06 -8.30 -13.32
C ALA B 274 -23.39 -9.02 -14.63
N LEU B 275 -22.92 -8.45 -15.74
CA LEU B 275 -23.20 -8.96 -17.09
C LEU B 275 -22.16 -9.93 -17.57
N ASP B 276 -21.16 -10.22 -16.72
CA ASP B 276 -19.88 -10.88 -17.11
C ASP B 276 -20.01 -12.40 -16.93
N ASN B 277 -20.36 -13.10 -17.97
CA ASN B 277 -20.50 -14.54 -17.90
C ASN B 277 -19.16 -15.21 -18.10
N GLU B 278 -18.22 -14.54 -18.77
CA GLU B 278 -16.90 -15.18 -19.01
C GLU B 278 -15.85 -15.03 -17.91
N GLY B 279 -16.07 -14.14 -16.94
CA GLY B 279 -15.09 -13.94 -15.89
C GLY B 279 -13.98 -13.03 -16.39
N ARG B 280 -14.26 -12.18 -17.37
CA ARG B 280 -13.26 -11.28 -17.90
C ARG B 280 -13.22 -9.89 -17.24
N VAL B 281 -14.14 -9.60 -16.34
CA VAL B 281 -14.19 -8.27 -15.68
C VAL B 281 -13.59 -8.38 -14.29
N ILE B 282 -12.76 -7.41 -13.95
CA ILE B 282 -12.23 -7.30 -12.60
C ILE B 282 -12.97 -6.05 -12.06
N TYR B 283 -13.75 -6.23 -11.01
CA TYR B 283 -14.58 -5.14 -10.45
C TYR B 283 -13.88 -4.51 -9.25
N LEU B 284 -13.74 -3.16 -9.23
CA LEU B 284 -13.08 -2.48 -8.11
C LEU B 284 -14.12 -1.63 -7.41
N GLY B 285 -14.20 -1.81 -6.10
CA GLY B 285 -15.02 -0.84 -5.35
C GLY B 285 -14.22 -0.31 -4.18
N THR B 286 -14.80 0.63 -3.42
CA THR B 286 -14.05 1.22 -2.35
C THR B 286 -14.99 1.81 -1.31
N PHE B 287 -14.52 1.86 -0.05
CA PHE B 287 -15.31 2.44 1.03
C PHE B 287 -15.19 3.98 1.06
N SER B 288 -14.32 4.51 0.20
CA SER B 288 -13.97 5.91 0.32
C SER B 288 -15.12 6.90 0.24
N LYS B 289 -16.04 6.69 -0.69
CA LYS B 289 -17.13 7.64 -0.85
C LYS B 289 -18.39 7.25 -0.07
N ILE B 290 -18.42 6.05 0.49
CA ILE B 290 -19.63 5.56 1.13
C ILE B 290 -19.53 5.36 2.63
N LEU B 291 -18.30 5.41 3.14
CA LEU B 291 -17.98 5.38 4.54
C LEU B 291 -17.14 6.63 4.81
N ALA B 292 -15.86 6.59 4.48
CA ALA B 292 -14.95 7.73 4.64
C ALA B 292 -13.64 7.25 3.97
N PRO B 293 -12.87 8.14 3.36
CA PRO B 293 -11.61 7.70 2.70
C PRO B 293 -10.52 7.24 3.69
N GLY B 294 -10.60 7.75 4.93
CA GLY B 294 -9.50 7.70 5.85
C GLY B 294 -9.12 6.28 6.31
N PHE B 295 -9.99 5.30 6.10
CA PHE B 295 -9.64 3.91 6.49
C PHE B 295 -8.80 3.21 5.42
N ARG B 296 -8.85 3.73 4.18
CA ARG B 296 -8.14 3.19 2.98
C ARG B 296 -8.42 1.71 2.81
N ILE B 297 -9.71 1.41 2.67
CA ILE B 297 -10.14 0.02 2.41
C ILE B 297 -10.88 -0.02 1.08
N GLY B 298 -10.45 -0.93 0.18
CA GLY B 298 -11.15 -1.19 -1.08
C GLY B 298 -11.23 -2.69 -1.31
N TRP B 299 -11.80 -3.10 -2.45
CA TRP B 299 -11.92 -4.58 -2.79
C TRP B 299 -11.77 -4.74 -4.32
N MET B 300 -11.33 -5.95 -4.70
CA MET B 300 -11.16 -6.35 -6.10
C MET B 300 -11.84 -7.70 -6.17
N VAL B 301 -12.78 -7.84 -7.14
CA VAL B 301 -13.61 -9.01 -7.35
C VAL B 301 -13.37 -9.49 -8.78
N GLY B 302 -13.06 -10.76 -8.92
CA GLY B 302 -12.80 -11.23 -10.28
C GLY B 302 -12.50 -12.72 -10.29
N ASP B 303 -12.11 -13.22 -11.44
CA ASP B 303 -11.72 -14.63 -11.61
C ASP B 303 -10.71 -15.09 -10.54
N PRO B 304 -10.92 -16.28 -9.90
CA PRO B 304 -10.04 -16.77 -8.83
C PRO B 304 -8.61 -16.91 -9.27
N GLY B 305 -8.35 -17.14 -10.56
CA GLY B 305 -6.95 -17.31 -10.98
C GLY B 305 -6.26 -15.94 -10.99
N ILE B 306 -7.00 -14.93 -11.45
CA ILE B 306 -6.49 -13.57 -11.37
C ILE B 306 -6.26 -13.12 -9.94
N ILE B 307 -7.30 -13.26 -9.10
CA ILE B 307 -7.20 -12.94 -7.68
C ILE B 307 -6.00 -13.58 -6.94
N ARG B 308 -5.80 -14.90 -7.12
CA ARG B 308 -4.60 -15.53 -6.61
C ARG B 308 -3.34 -14.81 -6.99
N LYS B 309 -3.16 -14.42 -8.27
CA LYS B 309 -1.92 -13.78 -8.62
C LYS B 309 -1.83 -12.41 -7.92
N MET B 310 -2.95 -11.71 -7.91
CA MET B 310 -2.97 -10.37 -7.32
C MET B 310 -2.57 -10.43 -5.84
N GLU B 311 -3.05 -11.45 -5.14
CA GLU B 311 -2.69 -11.69 -3.73
C GLU B 311 -1.20 -11.85 -3.57
N ILE B 312 -0.59 -12.68 -4.41
CA ILE B 312 0.86 -12.88 -4.31
C ILE B 312 1.61 -11.55 -4.56
N ALA B 313 1.15 -10.77 -5.55
CA ALA B 313 1.77 -9.45 -5.86
C ALA B 313 1.72 -8.47 -4.69
N LYS B 314 0.54 -8.46 -4.03
CA LYS B 314 0.27 -7.50 -2.97
C LYS B 314 1.13 -7.82 -1.77
N GLN B 315 1.39 -9.11 -1.59
CA GLN B 315 2.01 -9.56 -0.34
C GLN B 315 3.32 -8.84 0.06
N SER B 316 4.16 -8.63 -0.94
CA SER B 316 5.41 -7.91 -0.82
C SER B 316 5.30 -6.40 -0.81
N THR B 317 4.19 -5.83 -1.28
CA THR B 317 4.09 -4.35 -1.24
C THR B 317 3.66 -3.83 0.13
N ASP B 318 2.89 -4.62 0.89
CA ASP B 318 2.37 -4.08 2.15
C ASP B 318 2.00 -5.09 3.23
N LEU B 319 2.27 -6.39 3.00
CA LEU B 319 1.84 -7.47 3.91
C LEU B 319 0.30 -7.72 3.93
N CYS B 320 -0.46 -6.69 4.32
CA CYS B 320 -1.91 -6.72 4.42
C CYS B 320 -2.44 -5.28 4.53
N THR B 321 -3.63 -5.08 4.00
CA THR B 321 -4.37 -3.81 4.22
C THR B 321 -4.75 -3.70 5.74
N ASN B 322 -4.74 -2.49 6.22
CA ASN B 322 -4.85 -2.32 7.67
C ASN B 322 -6.07 -3.03 8.22
N VAL B 323 -5.82 -3.92 9.16
CA VAL B 323 -6.86 -4.84 9.57
C VAL B 323 -7.88 -4.07 10.39
N PHE B 324 -7.45 -2.99 11.08
CA PHE B 324 -8.36 -2.33 12.00
C PHE B 324 -9.47 -1.73 11.12
N GLY B 325 -9.07 -0.99 10.05
CA GLY B 325 -10.02 -0.47 9.09
C GLY B 325 -10.89 -1.57 8.43
N GLN B 326 -10.32 -2.76 8.24
CA GLN B 326 -11.15 -3.83 7.69
C GLN B 326 -12.28 -4.28 8.63
N VAL B 327 -11.96 -4.35 9.93
CA VAL B 327 -12.97 -4.69 10.95
C VAL B 327 -14.09 -3.62 11.01
N VAL B 328 -13.71 -2.35 10.96
CA VAL B 328 -14.64 -1.28 10.92
C VAL B 328 -15.60 -1.46 9.71
N ALA B 329 -15.06 -1.63 8.50
CA ALA B 329 -15.82 -1.81 7.30
C ALA B 329 -16.74 -3.05 7.37
N TRP B 330 -16.24 -4.16 7.92
CA TRP B 330 -17.04 -5.34 8.07
C TRP B 330 -18.25 -5.01 8.94
N ARG B 331 -18.04 -4.34 10.07
CA ARG B 331 -19.24 -4.01 10.89
C ARG B 331 -20.16 -3.08 10.15
N TYR B 332 -19.56 -2.10 9.46
CA TYR B 332 -20.36 -1.09 8.73
C TYR B 332 -21.32 -1.79 7.75
N VAL B 333 -20.81 -2.79 7.03
CA VAL B 333 -21.67 -3.44 6.08
C VAL B 333 -22.60 -4.45 6.75
N ASP B 334 -22.00 -5.34 7.55
CA ASP B 334 -22.74 -6.51 8.08
C ASP B 334 -23.82 -6.07 9.10
N GLY B 335 -23.52 -5.02 9.85
CA GLY B 335 -24.56 -4.47 10.77
C GLY B 335 -25.63 -3.60 10.11
N GLY B 336 -25.63 -3.49 8.78
CA GLY B 336 -26.76 -2.89 8.03
C GLY B 336 -26.60 -1.40 7.96
N TYR B 337 -25.48 -0.87 8.49
CA TYR B 337 -25.26 0.58 8.54
C TYR B 337 -25.03 1.16 7.15
N LEU B 338 -24.25 0.47 6.34
CA LEU B 338 -24.02 0.94 4.95
C LEU B 338 -25.35 1.21 4.19
N GLU B 339 -26.23 0.22 4.19
CA GLU B 339 -27.51 0.35 3.53
C GLU B 339 -28.39 1.52 4.02
N LYS B 340 -28.38 1.77 5.31
CA LYS B 340 -29.14 2.82 5.94
C LYS B 340 -28.54 4.21 5.65
N HIS B 341 -27.20 4.26 5.57
CA HIS B 341 -26.53 5.55 5.37
C HIS B 341 -26.52 6.06 3.93
N ILE B 342 -26.44 5.17 2.94
CA ILE B 342 -26.36 5.58 1.56
C ILE B 342 -27.45 6.59 1.21
N PRO B 343 -28.73 6.35 1.66
CA PRO B 343 -29.76 7.40 1.37
C PRO B 343 -29.42 8.77 1.94
N GLU B 344 -28.62 8.83 3.02
CA GLU B 344 -28.33 10.15 3.60
C GLU B 344 -27.24 10.84 2.83
N ILE B 345 -26.33 10.03 2.28
CA ILE B 345 -25.35 10.60 1.37
C ILE B 345 -26.00 11.23 0.12
N ARG B 346 -26.88 10.45 -0.49
CA ARG B 346 -27.52 10.93 -1.68
C ARG B 346 -28.31 12.20 -1.39
N LYS B 347 -29.03 12.25 -0.25
CA LYS B 347 -29.83 13.43 0.08
C LYS B 347 -28.94 14.67 0.27
N PHE B 348 -27.71 14.46 0.76
CA PHE B 348 -26.83 15.53 1.02
C PHE B 348 -26.23 16.08 -0.28
N TYR B 349 -25.75 15.19 -1.16
CA TYR B 349 -25.07 15.70 -2.37
C TYR B 349 -25.99 16.23 -3.47
N LYS B 350 -27.17 15.65 -3.59
CA LYS B 350 -28.09 15.99 -4.69
C LYS B 350 -28.31 17.50 -4.85
N PRO B 351 -28.60 18.22 -3.74
CA PRO B 351 -28.86 19.65 -3.99
C PRO B 351 -27.60 20.42 -4.45
N ARG B 352 -26.42 19.91 -4.11
CA ARG B 352 -25.13 20.51 -4.44
C ARG B 352 -24.86 20.34 -5.92
N ARG B 353 -25.17 19.16 -6.43
CA ARG B 353 -25.13 18.94 -7.88
C ARG B 353 -26.14 19.86 -8.51
N ASP B 354 -27.37 19.88 -7.97
CA ASP B 354 -28.42 20.66 -8.66
C ASP B 354 -28.08 22.15 -8.69
N ALA B 355 -27.52 22.64 -7.59
CA ALA B 355 -27.08 24.03 -7.48
C ALA B 355 -26.05 24.33 -8.55
N MET B 356 -25.11 23.42 -8.70
CA MET B 356 -24.03 23.69 -9.66
C MET B 356 -24.62 23.70 -11.06
N LEU B 357 -25.51 22.77 -11.35
CA LEU B 357 -26.14 22.70 -12.69
C LEU B 357 -26.97 23.98 -13.00
N GLU B 358 -27.66 24.44 -11.97
CA GLU B 358 -28.48 25.64 -12.14
C GLU B 358 -27.63 26.86 -12.40
N ALA B 359 -26.50 26.97 -11.69
CA ALA B 359 -25.60 28.14 -11.84
C ALA B 359 -24.90 28.08 -13.22
N LEU B 360 -24.52 26.86 -13.67
CA LEU B 360 -23.92 26.71 -15.00
C LEU B 360 -24.88 27.26 -16.08
N GLU B 361 -26.14 26.78 -16.06
CA GLU B 361 -27.22 27.21 -16.97
C GLU B 361 -27.47 28.72 -16.95
N GLU B 362 -27.46 29.33 -15.78
CA GLU B 362 -27.71 30.77 -15.67
C GLU B 362 -26.54 31.68 -16.04
N PHE B 363 -25.31 31.27 -15.74
CA PHE B 363 -24.19 32.19 -15.83
C PHE B 363 -23.25 31.97 -17.03
N MET B 364 -23.15 30.72 -17.51
CA MET B 364 -22.20 30.42 -18.56
C MET B 364 -22.57 31.09 -19.89
N PRO B 365 -21.58 31.61 -20.62
CA PRO B 365 -21.89 32.17 -21.94
C PRO B 365 -22.14 31.05 -22.97
N GLU B 366 -22.65 31.43 -24.14
CA GLU B 366 -22.70 30.53 -25.30
C GLU B 366 -21.24 30.12 -25.71
N GLY B 367 -20.93 28.96 -26.28
CA GLY B 367 -21.52 27.71 -26.14
C GLY B 367 -20.44 26.98 -25.31
N VAL B 368 -20.47 27.23 -24.02
CA VAL B 368 -19.79 26.36 -23.05
C VAL B 368 -20.75 25.18 -22.92
N LYS B 369 -20.22 23.99 -22.70
CA LYS B 369 -21.07 22.85 -22.52
C LYS B 369 -20.60 22.15 -21.25
N TRP B 370 -21.46 21.32 -20.67
CA TRP B 370 -21.11 20.59 -19.45
C TRP B 370 -21.90 19.31 -19.41
N THR B 371 -21.38 18.31 -18.72
CA THR B 371 -22.15 17.11 -18.57
C THR B 371 -23.23 17.29 -17.49
N LYS B 372 -24.16 16.35 -17.47
CA LYS B 372 -25.28 16.37 -16.54
C LYS B 372 -25.33 15.03 -15.79
N PRO B 373 -24.48 14.88 -14.76
CA PRO B 373 -24.32 13.58 -14.15
C PRO B 373 -25.58 13.19 -13.38
N GLU B 374 -25.85 11.90 -13.33
CA GLU B 374 -26.95 11.38 -12.52
C GLU B 374 -26.48 11.08 -11.06
N GLY B 375 -25.20 11.35 -10.76
CA GLY B 375 -24.64 10.93 -9.49
C GLY B 375 -23.17 11.32 -9.43
N GLY B 376 -22.52 10.91 -8.36
CA GLY B 376 -21.05 11.07 -8.24
C GLY B 376 -20.68 12.44 -7.71
N MET B 377 -19.51 12.95 -8.07
CA MET B 377 -18.97 14.15 -7.44
C MET B 377 -18.64 15.28 -8.42
N PHE B 378 -18.73 15.00 -9.70
CA PHE B 378 -18.09 15.83 -10.72
C PHE B 378 -19.02 16.19 -11.87
N ILE B 379 -18.80 17.42 -12.34
CA ILE B 379 -19.32 18.01 -13.59
C ILE B 379 -18.12 18.43 -14.46
N TRP B 380 -18.24 18.12 -15.76
CA TRP B 380 -17.15 18.20 -16.74
C TRP B 380 -17.56 19.20 -17.81
N VAL B 381 -16.77 20.26 -17.96
CA VAL B 381 -17.10 21.46 -18.78
C VAL B 381 -16.16 21.57 -20.00
N THR B 382 -16.73 21.82 -21.18
CA THR B 382 -15.99 22.04 -22.43
C THR B 382 -16.11 23.53 -22.87
N LEU B 383 -14.99 24.16 -23.13
CA LEU B 383 -14.95 25.56 -23.54
C LEU B 383 -14.97 25.66 -25.08
N PRO B 384 -15.64 26.71 -25.61
CA PRO B 384 -15.75 26.97 -27.07
C PRO B 384 -14.45 27.63 -27.53
N ASP B 385 -14.38 28.00 -28.83
CA ASP B 385 -13.30 28.77 -29.45
C ASP B 385 -11.84 28.35 -29.18
N GLY B 386 -11.57 27.07 -28.95
CA GLY B 386 -10.21 26.65 -28.61
C GLY B 386 -9.53 27.29 -27.40
N ILE B 387 -10.28 27.67 -26.36
CA ILE B 387 -9.64 28.14 -25.11
C ILE B 387 -8.89 27.00 -24.44
N ASP B 388 -7.73 27.30 -23.89
CA ASP B 388 -6.88 26.33 -23.26
C ASP B 388 -7.15 26.52 -21.76
N SER B 389 -7.77 25.53 -21.14
CA SER B 389 -8.18 25.68 -19.75
C SER B 389 -7.03 25.68 -18.77
N LYS B 390 -5.88 25.14 -19.19
CA LYS B 390 -4.70 25.08 -18.33
C LYS B 390 -4.12 26.50 -18.23
N LYS B 391 -3.99 27.19 -19.39
CA LYS B 391 -3.51 28.57 -19.42
C LYS B 391 -4.51 29.50 -18.73
N MET B 392 -5.82 29.23 -18.90
CA MET B 392 -6.92 30.03 -18.27
C MET B 392 -6.98 29.89 -16.75
N LEU B 393 -6.46 28.81 -16.21
CA LEU B 393 -6.43 28.67 -14.74
C LEU B 393 -5.87 29.93 -13.99
N GLU B 394 -4.76 30.49 -14.49
CA GLU B 394 -4.19 31.73 -13.92
C GLU B 394 -5.24 32.84 -13.78
N ARG B 395 -5.97 33.08 -14.87
CA ARG B 395 -7.04 34.06 -14.88
C ARG B 395 -8.17 33.71 -13.87
N ALA B 396 -8.56 32.44 -13.83
CA ALA B 396 -9.60 32.00 -12.91
C ALA B 396 -9.17 32.27 -11.49
N ILE B 397 -7.95 31.92 -11.15
CA ILE B 397 -7.43 32.08 -9.79
C ILE B 397 -7.40 33.57 -9.38
N LYS B 398 -6.94 34.41 -10.29
CA LYS B 398 -7.03 35.87 -10.09
C LYS B 398 -8.46 36.31 -9.85
N LYS B 399 -9.44 35.66 -10.45
CA LYS B 399 -10.84 36.00 -10.11
C LYS B 399 -11.48 35.26 -8.91
N GLY B 400 -10.67 34.50 -8.16
CA GLY B 400 -11.15 33.80 -6.98
C GLY B 400 -11.75 32.40 -7.19
N VAL B 401 -11.43 31.73 -8.30
CA VAL B 401 -11.96 30.37 -8.47
C VAL B 401 -10.92 29.46 -9.10
N ALA B 402 -11.06 28.17 -8.82
CA ALA B 402 -10.10 27.19 -9.30
C ALA B 402 -10.90 25.99 -9.79
N TYR B 403 -10.26 25.23 -10.67
CA TYR B 403 -10.87 23.99 -11.20
C TYR B 403 -9.65 23.13 -11.61
N VAL B 404 -9.82 21.86 -11.92
CA VAL B 404 -8.68 21.15 -12.49
C VAL B 404 -8.77 21.17 -14.02
N PRO B 405 -7.70 21.63 -14.71
CA PRO B 405 -7.66 21.57 -16.17
C PRO B 405 -7.77 20.10 -16.63
N GLY B 406 -8.53 19.81 -17.69
CA GLY B 406 -8.79 18.45 -18.06
C GLY B 406 -7.64 17.74 -18.77
N GLU B 407 -6.66 18.51 -19.27
CA GLU B 407 -5.56 17.96 -20.10
C GLU B 407 -4.94 16.66 -19.53
N ALA B 408 -4.57 16.70 -18.26
CA ALA B 408 -3.91 15.52 -17.65
C ALA B 408 -4.80 14.32 -17.50
N PHE B 409 -6.11 14.52 -17.64
CA PHE B 409 -7.00 13.36 -17.66
C PHE B 409 -7.00 12.62 -19.01
N TYR B 410 -6.23 13.11 -19.97
CA TYR B 410 -6.14 12.43 -21.27
C TYR B 410 -4.77 11.75 -21.40
N ALA B 411 -4.78 10.46 -21.74
CA ALA B 411 -3.57 9.66 -21.79
C ALA B 411 -2.56 10.38 -22.72
N HIS B 412 -3.08 10.89 -23.81
CA HIS B 412 -2.21 11.57 -24.78
C HIS B 412 -2.16 13.09 -24.57
N ARG B 413 -2.82 13.58 -23.52
CA ARG B 413 -2.77 15.00 -23.19
C ARG B 413 -3.06 15.91 -24.41
N ASP B 414 -4.04 15.55 -25.24
CA ASP B 414 -4.27 16.22 -26.53
C ASP B 414 -5.58 17.03 -26.56
N VAL B 415 -6.26 17.12 -25.42
CA VAL B 415 -7.47 17.93 -25.37
C VAL B 415 -7.25 19.02 -24.35
N LYS B 416 -7.47 20.26 -24.76
CA LYS B 416 -6.96 21.35 -23.96
C LYS B 416 -8.06 22.29 -23.42
N ASN B 417 -9.27 22.08 -23.88
CA ASN B 417 -10.42 22.95 -23.63
C ASN B 417 -11.41 22.43 -22.58
N THR B 418 -10.94 21.56 -21.68
CA THR B 418 -11.86 20.93 -20.67
C THR B 418 -11.49 21.23 -19.24
N MET B 419 -12.46 21.01 -18.33
CA MET B 419 -12.31 21.26 -16.85
C MET B 419 -13.13 20.29 -16.05
N ARG B 420 -12.59 19.86 -14.92
CA ARG B 420 -13.37 19.09 -13.97
C ARG B 420 -13.76 19.99 -12.79
N LEU B 421 -15.07 19.99 -12.47
CA LEU B 421 -15.62 20.76 -11.34
C LEU B 421 -16.14 19.79 -10.35
N ASN B 422 -15.98 20.11 -9.09
CA ASN B 422 -16.43 19.25 -8.01
C ASN B 422 -17.51 20.01 -7.21
N PHE B 423 -18.65 19.38 -7.02
CA PHE B 423 -19.75 19.99 -6.24
C PHE B 423 -19.93 19.43 -4.80
N THR B 424 -19.14 18.42 -4.39
CA THR B 424 -19.37 17.77 -3.11
C THR B 424 -18.81 18.57 -1.93
N TYR B 425 -17.72 19.30 -2.18
CA TYR B 425 -16.96 19.85 -1.04
C TYR B 425 -16.45 21.27 -1.21
N VAL B 426 -17.36 22.17 -1.45
CA VAL B 426 -17.19 23.60 -1.22
C VAL B 426 -18.61 23.88 -0.67
N ASP B 427 -18.76 24.91 0.19
CA ASP B 427 -20.09 25.45 0.62
C ASP B 427 -21.01 25.70 -0.58
N GLU B 428 -22.26 25.21 -0.49
CA GLU B 428 -23.31 25.45 -1.52
C GLU B 428 -23.52 26.91 -1.93
N ASP B 429 -23.45 27.85 -0.99
CA ASP B 429 -23.38 29.29 -1.39
C ASP B 429 -22.17 29.57 -2.30
N LYS B 430 -21.06 28.88 -2.01
CA LYS B 430 -19.89 29.19 -2.75
C LYS B 430 -19.88 28.46 -4.09
N ILE B 431 -20.75 27.43 -4.26
CA ILE B 431 -20.97 26.82 -5.60
C ILE B 431 -21.52 27.85 -6.55
N MET B 432 -22.57 28.58 -6.12
CA MET B 432 -23.20 29.56 -7.03
C MET B 432 -22.15 30.66 -7.36
N GLU B 433 -21.50 31.13 -6.31
CA GLU B 433 -20.48 32.17 -6.47
C GLU B 433 -19.27 31.75 -7.33
N GLY B 434 -18.80 30.52 -7.07
CA GLY B 434 -17.70 29.94 -7.85
C GLY B 434 -18.02 29.79 -9.31
N ILE B 435 -19.21 29.36 -9.62
CA ILE B 435 -19.64 29.15 -11.00
C ILE B 435 -19.74 30.54 -11.68
N LYS B 436 -20.27 31.50 -10.95
CA LYS B 436 -20.33 32.88 -11.49
C LYS B 436 -18.93 33.44 -11.77
N ARG B 437 -18.01 33.26 -10.86
CA ARG B 437 -16.63 33.74 -11.12
C ARG B 437 -15.99 33.00 -12.32
N LEU B 438 -16.19 31.69 -12.39
CA LEU B 438 -15.74 30.93 -13.57
C LEU B 438 -16.37 31.46 -14.87
N ALA B 439 -17.68 31.69 -14.85
CA ALA B 439 -18.38 32.11 -16.02
C ALA B 439 -17.81 33.47 -16.45
N GLU B 440 -17.50 34.33 -15.50
CA GLU B 440 -16.98 35.68 -15.88
C GLU B 440 -15.55 35.50 -16.43
N THR B 441 -14.83 34.49 -15.92
CA THR B 441 -13.44 34.24 -16.30
C THR B 441 -13.45 33.85 -17.77
N ILE B 442 -14.41 33.02 -18.17
CA ILE B 442 -14.52 32.51 -19.52
C ILE B 442 -14.93 33.66 -20.46
N LYS B 443 -15.91 34.48 -20.05
CA LYS B 443 -16.23 35.73 -20.79
C LYS B 443 -14.98 36.57 -21.09
N GLU B 444 -14.17 36.88 -20.10
CA GLU B 444 -12.99 37.69 -20.31
C GLU B 444 -12.00 37.00 -21.23
N GLU B 445 -11.74 35.71 -20.99
CA GLU B 445 -10.86 34.93 -21.83
C GLU B 445 -11.29 34.96 -23.30
N LEU B 446 -12.59 34.89 -23.55
CA LEU B 446 -13.14 34.96 -24.88
C LEU B 446 -12.98 36.30 -25.61
N LYS B 447 -12.78 37.44 -24.92
CA LYS B 447 -12.51 38.70 -25.67
C LYS B 447 -11.02 39.06 -25.85
N ALA B 448 -10.75 39.83 -26.90
CA ALA B 448 -9.42 39.95 -27.55
C ALA B 448 -8.30 39.14 -26.85
#